data_4Y67
#
_entry.id   4Y67
#
_cell.length_a   51.570
_cell.length_b   56.465
_cell.length_c   86.024
_cell.angle_alpha   104.11
_cell.angle_beta   103.25
_cell.angle_gamma   100.16
#
_symmetry.space_group_name_H-M   'P 1'
#
loop_
_entity.id
_entity.type
_entity.pdbx_description
1 polymer '1-deoxy-D-xylulose 5-phosphate reductoisomerase, apicoplast'
2 non-polymer '[(2R)-2-{2-[hydroxy(methyl)amino]-2-oxoethyl}-5-phenylpentyl]phosphonic acid'
3 non-polymer 'MANGANESE (II) ION'
4 water water
#
_entity_poly.entity_id   1
_entity_poly.type   'polypeptide(L)'
_entity_poly.pdbx_seq_one_letter_code
;MAHHHHHHKKPINVAIFGSTGSIGTNALNIIRECNKIENVFNVKALYVNKSVNELYEQAREFLPEYLCIHDKSVYEELKE
LVKNIKDYKPIILCGDEGMKEICSSNSIDKIVIGIDSFQGLYSTMYAIMNNKIVALANKESIVSAGFFLKKLLNIHKNAK
IIPVDSEHSAIFQCLDNNKVLKTKCLQDNFSKINNINKIFLCSSGGPFQNLTMDELKNVTSENALKHPKWKMGKKITIDS
ATMMNKGLEVIETHFLFDVDYNDIEVIVHKECIIHSCVEFIDKSVISQMYYPDMQIPILYSLTWPDRIKTNLKPLDLAQV
STLTFHKPSLEHFPCIKLAYQAGIKGNFYPTVLNASNEIANNLFLNNKIKYFDISSIISQVLESFNSQKVSENSEDLMKQ
ILQIHSWAKDKATDIYNKHNSS
;
_entity_poly.pdbx_strand_id   A,B
#
# COMPACT_ATOMS: atom_id res chain seq x y z
N PRO A 11 14.89 -2.32 -23.02
CA PRO A 11 14.39 -3.69 -22.83
C PRO A 11 14.97 -4.32 -21.56
N ILE A 12 14.16 -5.11 -20.87
CA ILE A 12 14.62 -5.82 -19.68
C ILE A 12 15.21 -7.17 -20.14
N ASN A 13 16.50 -7.36 -19.90
CA ASN A 13 17.19 -8.59 -20.32
C ASN A 13 17.22 -9.58 -19.19
N VAL A 14 16.51 -10.70 -19.37
N VAL A 14 16.52 -10.69 -19.37
CA VAL A 14 16.21 -11.63 -18.29
CA VAL A 14 16.25 -11.62 -18.27
C VAL A 14 16.66 -13.05 -18.60
C VAL A 14 16.72 -13.02 -18.61
N ALA A 15 17.21 -13.72 -17.59
CA ALA A 15 17.46 -15.14 -17.67
C ALA A 15 16.53 -15.85 -16.72
N ILE A 16 16.05 -17.01 -17.16
CA ILE A 16 15.20 -17.86 -16.31
C ILE A 16 15.93 -19.18 -15.98
N PHE A 17 16.22 -19.38 -14.70
CA PHE A 17 16.85 -20.62 -14.19
C PHE A 17 15.76 -21.54 -13.64
N GLY A 18 15.62 -22.74 -14.19
CA GLY A 18 14.49 -23.62 -13.80
C GLY A 18 13.26 -23.30 -14.63
N SER A 19 13.48 -23.10 -15.92
CA SER A 19 12.41 -22.55 -16.75
C SER A 19 11.21 -23.46 -16.96
N THR A 20 11.29 -24.74 -16.58
CA THR A 20 10.12 -25.62 -16.74
C THR A 20 9.40 -25.92 -15.45
N GLY A 21 9.92 -25.43 -14.32
CA GLY A 21 9.20 -25.52 -13.07
C GLY A 21 8.08 -24.50 -12.97
N SER A 22 7.45 -24.45 -11.81
CA SER A 22 6.29 -23.62 -11.63
C SER A 22 6.65 -22.14 -11.75
N ILE A 23 7.69 -21.72 -11.03
CA ILE A 23 8.10 -20.33 -11.11
C ILE A 23 8.48 -19.94 -12.56
N GLY A 24 9.30 -20.77 -13.19
CA GLY A 24 9.82 -20.48 -14.51
C GLY A 24 8.69 -20.43 -15.52
N THR A 25 7.75 -21.35 -15.44
CA THR A 25 6.66 -21.32 -16.41
C THR A 25 5.73 -20.11 -16.18
N ASN A 26 5.42 -19.78 -14.91
CA ASN A 26 4.66 -18.57 -14.64
C ASN A 26 5.41 -17.32 -15.13
N ALA A 27 6.74 -17.32 -15.02
CA ALA A 27 7.54 -16.18 -15.47
C ALA A 27 7.42 -15.99 -16.97
N LEU A 28 7.58 -17.09 -17.72
CA LEU A 28 7.45 -17.00 -19.17
C LEU A 28 6.05 -16.65 -19.61
N ASN A 29 5.04 -17.11 -18.88
CA ASN A 29 3.64 -16.75 -19.20
C ASN A 29 3.38 -15.23 -19.08
N ILE A 30 3.83 -14.63 -17.98
CA ILE A 30 3.58 -13.23 -17.82
C ILE A 30 4.47 -12.42 -18.76
N ILE A 31 5.67 -12.91 -19.05
CA ILE A 31 6.53 -12.24 -20.02
C ILE A 31 5.86 -12.24 -21.40
N ARG A 32 5.33 -13.38 -21.77
CA ARG A 32 4.66 -13.53 -23.08
C ARG A 32 3.51 -12.53 -23.16
N GLU A 33 2.67 -12.55 -22.16
CA GLU A 33 1.48 -11.67 -22.17
C GLU A 33 1.83 -10.19 -22.16
N CYS A 34 2.81 -9.78 -21.36
CA CYS A 34 3.23 -8.40 -21.37
C CYS A 34 3.87 -7.98 -22.70
N ASN A 35 4.62 -8.89 -23.32
CA ASN A 35 5.31 -8.55 -24.54
C ASN A 35 4.34 -8.34 -25.68
N LYS A 36 3.16 -8.96 -25.58
CA LYS A 36 2.09 -8.73 -26.58
C LYS A 36 1.59 -7.29 -26.53
N ILE A 37 1.66 -6.67 -25.36
CA ILE A 37 1.18 -5.32 -25.14
C ILE A 37 2.22 -4.30 -25.56
N GLU A 38 3.46 -4.56 -25.20
CA GLU A 38 4.58 -3.73 -25.57
C GLU A 38 5.83 -4.57 -25.47
N ASN A 39 6.77 -4.40 -26.40
CA ASN A 39 8.00 -5.17 -26.33
C ASN A 39 8.90 -4.68 -25.17
N VAL A 40 8.91 -5.45 -24.11
CA VAL A 40 9.51 -5.00 -22.88
C VAL A 40 10.61 -5.95 -22.43
N PHE A 41 10.41 -7.26 -22.64
CA PHE A 41 11.37 -8.23 -22.15
C PHE A 41 12.12 -8.90 -23.29
N ASN A 42 13.42 -9.06 -23.11
CA ASN A 42 14.22 -9.97 -23.91
C ASN A 42 14.64 -11.16 -23.06
N VAL A 43 14.10 -12.32 -23.34
CA VAL A 43 14.51 -13.55 -22.68
C VAL A 43 15.86 -13.96 -23.26
N LYS A 44 16.92 -13.77 -22.47
CA LYS A 44 18.30 -13.96 -22.95
C LYS A 44 18.83 -15.38 -22.69
N ALA A 45 18.27 -16.08 -21.71
CA ALA A 45 18.77 -17.39 -21.34
C ALA A 45 17.70 -18.20 -20.69
N LEU A 46 17.68 -19.49 -21.03
CA LEU A 46 16.86 -20.48 -20.34
C LEU A 46 17.73 -21.63 -19.87
N TYR A 47 17.44 -22.13 -18.66
CA TYR A 47 18.23 -23.18 -18.01
C TYR A 47 17.26 -24.19 -17.41
N VAL A 48 17.39 -25.47 -17.79
CA VAL A 48 16.59 -26.52 -17.17
C VAL A 48 17.48 -27.69 -16.74
N ASN A 49 16.93 -28.55 -15.89
CA ASN A 49 17.64 -29.76 -15.50
C ASN A 49 17.73 -30.77 -16.65
N LYS A 50 16.60 -31.40 -17.00
CA LYS A 50 16.58 -32.55 -17.92
C LYS A 50 15.50 -32.51 -19.02
N SER A 51 14.55 -31.56 -18.91
CA SER A 51 13.40 -31.52 -19.81
C SER A 51 13.77 -30.96 -21.17
N VAL A 52 14.49 -31.77 -21.93
CA VAL A 52 15.05 -31.35 -23.20
C VAL A 52 14.00 -30.96 -24.25
N ASN A 53 12.86 -31.65 -24.27
CA ASN A 53 11.81 -31.32 -25.21
C ASN A 53 11.10 -30.01 -24.83
N GLU A 54 10.81 -29.86 -23.54
CA GLU A 54 10.13 -28.66 -23.07
C GLU A 54 11.01 -27.44 -23.31
N LEU A 55 12.32 -27.63 -23.13
CA LEU A 55 13.26 -26.54 -23.36
C LEU A 55 13.33 -26.16 -24.84
N TYR A 56 13.31 -27.15 -25.72
CA TYR A 56 13.30 -26.91 -27.17
C TYR A 56 12.06 -26.08 -27.53
N GLU A 57 10.91 -26.45 -26.96
CA GLU A 57 9.66 -25.75 -27.25
C GLU A 57 9.75 -24.30 -26.78
N GLN A 58 10.36 -24.06 -25.61
CA GLN A 58 10.53 -22.68 -25.13
C GLN A 58 11.51 -21.92 -26.00
N ALA A 59 12.59 -22.59 -26.43
CA ALA A 59 13.56 -21.95 -27.30
C ALA A 59 12.93 -21.54 -28.64
N ARG A 60 12.05 -22.39 -29.16
CA ARG A 60 11.37 -22.11 -30.45
C ARG A 60 10.56 -20.81 -30.33
N GLU A 61 9.95 -20.60 -29.17
CA GLU A 61 9.16 -19.38 -28.92
C GLU A 61 9.97 -18.14 -28.53
N PHE A 62 10.82 -18.26 -27.52
CA PHE A 62 11.50 -17.08 -26.96
C PHE A 62 12.87 -16.76 -27.58
N LEU A 63 13.41 -17.73 -28.29
CA LEU A 63 14.68 -17.57 -29.03
C LEU A 63 15.81 -16.92 -28.22
N PRO A 64 16.11 -17.50 -27.07
CA PRO A 64 17.13 -16.92 -26.21
C PRO A 64 18.53 -17.12 -26.78
N GLU A 65 19.39 -16.13 -26.57
CA GLU A 65 20.78 -16.25 -26.92
C GLU A 65 21.45 -17.47 -26.29
N TYR A 66 21.11 -17.76 -25.03
CA TYR A 66 21.67 -18.91 -24.33
C TYR A 66 20.67 -19.99 -24.05
N LEU A 67 21.09 -21.23 -24.22
CA LEU A 67 20.37 -22.37 -23.68
C LEU A 67 21.33 -23.15 -22.81
N CYS A 68 20.82 -23.75 -21.75
CA CYS A 68 21.63 -24.59 -20.89
C CYS A 68 20.77 -25.67 -20.31
N ILE A 69 21.31 -26.88 -20.30
CA ILE A 69 20.65 -27.98 -19.65
C ILE A 69 21.65 -28.60 -18.68
N HIS A 70 21.19 -28.98 -17.50
CA HIS A 70 22.09 -29.49 -16.46
C HIS A 70 22.54 -30.92 -16.79
N ASP A 71 21.59 -31.75 -17.20
CA ASP A 71 21.82 -33.17 -17.43
C ASP A 71 22.57 -33.41 -18.74
N LYS A 72 23.87 -33.67 -18.61
CA LYS A 72 24.77 -33.89 -19.75
C LYS A 72 24.34 -35.03 -20.68
N SER A 73 23.48 -35.92 -20.20
CA SER A 73 23.06 -37.06 -21.02
C SER A 73 22.02 -36.68 -22.08
N VAL A 74 21.43 -35.50 -21.95
CA VAL A 74 20.46 -35.04 -22.96
C VAL A 74 21.01 -33.84 -23.74
N TYR A 75 22.27 -33.53 -23.51
CA TYR A 75 22.89 -32.36 -24.13
C TYR A 75 22.90 -32.43 -25.65
N GLU A 76 23.29 -33.58 -26.19
CA GLU A 76 23.42 -33.70 -27.63
C GLU A 76 22.05 -33.64 -28.28
N GLU A 77 21.08 -34.31 -27.66
CA GLU A 77 19.71 -34.30 -28.14
C GLU A 77 19.26 -32.85 -28.34
N LEU A 78 19.60 -31.98 -27.38
CA LEU A 78 19.18 -30.58 -27.43
C LEU A 78 19.81 -29.88 -28.62
N LYS A 79 21.07 -30.20 -28.92
CA LYS A 79 21.75 -29.58 -30.04
C LYS A 79 21.09 -29.87 -31.38
N GLU A 80 20.67 -31.10 -31.62
CA GLU A 80 20.02 -31.37 -32.90
C GLU A 80 18.61 -30.86 -32.96
N LEU A 81 17.88 -30.94 -31.85
CA LEU A 81 16.51 -30.45 -31.80
C LEU A 81 16.53 -29.01 -32.27
N VAL A 82 17.48 -28.24 -31.78
CA VAL A 82 17.50 -26.80 -32.03
C VAL A 82 17.81 -26.45 -33.48
N LYS A 83 18.37 -27.39 -34.24
CA LYS A 83 18.64 -27.16 -35.67
C LYS A 83 17.36 -26.95 -36.45
N ASN A 84 16.27 -27.46 -35.90
CA ASN A 84 14.92 -27.32 -36.44
C ASN A 84 14.41 -25.88 -36.44
N ILE A 85 15.07 -25.00 -35.69
CA ILE A 85 14.54 -23.65 -35.51
C ILE A 85 15.18 -22.70 -36.53
N LYS A 86 14.31 -22.05 -37.32
CA LYS A 86 14.74 -21.17 -38.39
C LYS A 86 15.43 -19.93 -37.84
N ASP A 87 16.50 -19.52 -38.51
CA ASP A 87 17.16 -18.24 -38.25
C ASP A 87 17.53 -18.13 -36.78
N TYR A 88 18.10 -19.19 -36.21
CA TYR A 88 18.39 -19.22 -34.78
C TYR A 88 19.68 -19.95 -34.52
N LYS A 89 20.62 -19.28 -33.86
CA LYS A 89 21.89 -19.91 -33.54
C LYS A 89 22.32 -19.57 -32.10
N PRO A 90 21.73 -20.27 -31.12
CA PRO A 90 21.98 -20.02 -29.72
C PRO A 90 23.33 -20.57 -29.27
N ILE A 91 23.85 -20.04 -28.18
CA ILE A 91 24.93 -20.68 -27.45
C ILE A 91 24.35 -21.78 -26.57
N ILE A 92 24.72 -23.04 -26.82
CA ILE A 92 24.12 -24.17 -26.12
C ILE A 92 25.10 -24.82 -25.15
N LEU A 93 24.76 -24.79 -23.85
CA LEU A 93 25.72 -25.11 -22.79
C LEU A 93 25.10 -26.16 -21.93
N CYS A 94 25.85 -26.64 -20.94
N CYS A 94 25.87 -26.68 -20.97
CA CYS A 94 25.30 -27.64 -20.05
CA CYS A 94 25.39 -27.74 -20.09
C CYS A 94 25.99 -27.64 -18.70
C CYS A 94 26.00 -27.65 -18.69
N GLY A 95 25.29 -28.17 -17.70
CA GLY A 95 25.81 -28.28 -16.34
C GLY A 95 26.05 -27.00 -15.58
N ASP A 96 26.59 -27.15 -14.38
CA ASP A 96 27.01 -26.03 -13.53
C ASP A 96 27.83 -24.97 -14.25
N GLU A 97 28.70 -25.35 -15.18
CA GLU A 97 29.55 -24.33 -15.79
C GLU A 97 28.87 -23.56 -16.91
N GLY A 98 27.78 -24.10 -17.45
CA GLY A 98 26.95 -23.33 -18.36
C GLY A 98 26.26 -22.23 -17.56
N MET A 99 25.73 -22.62 -16.41
CA MET A 99 25.10 -21.71 -15.48
C MET A 99 26.05 -20.55 -15.18
N LYS A 100 27.31 -20.86 -14.85
CA LYS A 100 28.26 -19.80 -14.50
C LYS A 100 28.51 -18.90 -15.68
N GLU A 101 28.55 -19.48 -16.87
CA GLU A 101 28.81 -18.68 -18.05
C GLU A 101 27.65 -17.70 -18.30
N ILE A 102 26.43 -18.16 -18.12
CA ILE A 102 25.25 -17.29 -18.28
C ILE A 102 25.29 -16.11 -17.26
N CYS A 103 25.55 -16.41 -15.99
CA CYS A 103 25.61 -15.35 -14.97
C CYS A 103 26.67 -14.29 -15.27
N SER A 104 27.73 -14.68 -15.97
CA SER A 104 28.80 -13.73 -16.23
C SER A 104 28.54 -12.91 -17.45
N SER A 105 27.51 -13.28 -18.21
CA SER A 105 27.24 -12.59 -19.44
C SER A 105 26.84 -11.15 -19.21
N ASN A 106 27.46 -10.23 -19.93
CA ASN A 106 27.11 -8.82 -19.77
C ASN A 106 25.77 -8.45 -20.42
N SER A 107 25.17 -9.37 -21.15
CA SER A 107 23.92 -9.05 -21.84
C SER A 107 22.71 -9.40 -20.95
N ILE A 108 22.97 -9.92 -19.75
CA ILE A 108 21.90 -10.35 -18.83
C ILE A 108 21.87 -9.42 -17.63
N ASP A 109 20.70 -8.90 -17.30
CA ASP A 109 20.58 -7.96 -16.19
C ASP A 109 19.89 -8.56 -14.95
N LYS A 110 18.93 -9.43 -15.19
CA LYS A 110 18.09 -9.98 -14.12
C LYS A 110 17.97 -11.45 -14.29
N ILE A 111 18.03 -12.15 -13.19
CA ILE A 111 17.97 -13.59 -13.19
C ILE A 111 16.86 -14.09 -12.25
N VAL A 112 15.91 -14.81 -12.84
CA VAL A 112 14.86 -15.47 -12.06
C VAL A 112 15.36 -16.84 -11.57
N ILE A 113 15.45 -17.00 -10.25
CA ILE A 113 15.89 -18.29 -9.66
C ILE A 113 14.71 -19.16 -9.28
N GLY A 114 14.35 -20.06 -10.19
CA GLY A 114 13.24 -20.97 -9.97
C GLY A 114 13.77 -22.40 -9.81
N ILE A 115 14.79 -22.55 -8.98
CA ILE A 115 15.38 -23.85 -8.66
C ILE A 115 15.42 -24.02 -7.13
N ASP A 116 15.15 -25.22 -6.62
CA ASP A 116 15.20 -25.43 -5.16
C ASP A 116 16.54 -25.94 -4.65
N SER A 117 16.63 -26.05 -3.33
CA SER A 117 17.74 -26.73 -2.65
C SER A 117 19.12 -26.18 -3.04
N PHE A 118 20.03 -27.08 -3.35
CA PHE A 118 21.45 -26.78 -3.53
C PHE A 118 21.71 -25.87 -4.71
N GLN A 119 21.22 -26.34 -5.86
CA GLN A 119 21.49 -25.69 -7.13
C GLN A 119 20.95 -24.29 -7.12
N GLY A 120 19.84 -24.10 -6.41
CA GLY A 120 19.18 -22.79 -6.29
C GLY A 120 20.09 -21.79 -5.61
N LEU A 121 20.63 -22.18 -4.46
CA LEU A 121 21.55 -21.32 -3.71
C LEU A 121 22.85 -21.08 -4.48
N TYR A 122 23.36 -22.14 -5.09
CA TYR A 122 24.56 -22.07 -5.87
C TYR A 122 24.43 -21.09 -7.05
N SER A 123 23.34 -21.18 -7.81
CA SER A 123 23.16 -20.24 -8.92
CA SER A 123 23.14 -20.25 -8.92
C SER A 123 22.91 -18.82 -8.39
N THR A 124 22.21 -18.72 -7.28
CA THR A 124 22.02 -17.42 -6.63
C THR A 124 23.37 -16.78 -6.30
N MET A 125 24.25 -17.56 -5.70
CA MET A 125 25.60 -17.09 -5.36
C MET A 125 26.32 -16.56 -6.61
N TYR A 126 26.28 -17.32 -7.69
CA TYR A 126 26.92 -16.84 -8.92
C TYR A 126 26.27 -15.60 -9.54
N ALA A 127 24.95 -15.52 -9.46
CA ALA A 127 24.27 -14.32 -9.91
C ALA A 127 24.73 -13.10 -9.11
N ILE A 128 24.84 -13.24 -7.79
CA ILE A 128 25.26 -12.12 -6.94
C ILE A 128 26.74 -11.74 -7.19
N MET A 129 27.59 -12.74 -7.39
CA MET A 129 28.99 -12.49 -7.63
C MET A 129 29.17 -11.67 -8.90
N ASN A 130 28.21 -11.80 -9.81
CA ASN A 130 28.24 -11.04 -11.06
C ASN A 130 27.38 -9.79 -11.03
N ASN A 131 26.95 -9.40 -9.82
CA ASN A 131 26.29 -8.13 -9.59
C ASN A 131 24.99 -7.97 -10.33
N LYS A 132 24.24 -9.06 -10.42
CA LYS A 132 22.97 -9.03 -11.11
C LYS A 132 21.83 -8.74 -10.14
N ILE A 133 20.67 -8.47 -10.71
CA ILE A 133 19.43 -8.48 -9.97
C ILE A 133 18.92 -9.89 -9.95
N VAL A 134 18.63 -10.39 -8.74
CA VAL A 134 18.23 -11.76 -8.58
C VAL A 134 16.81 -11.85 -8.04
N ALA A 135 15.90 -12.33 -8.88
CA ALA A 135 14.50 -12.53 -8.48
C ALA A 135 14.37 -13.92 -7.85
N LEU A 136 14.25 -13.93 -6.52
CA LEU A 136 14.44 -15.13 -5.74
C LEU A 136 13.16 -15.61 -5.08
N ALA A 137 12.74 -16.80 -5.47
CA ALA A 137 11.53 -17.39 -4.92
C ALA A 137 11.82 -18.41 -3.78
N ASN A 138 13.03 -18.96 -3.82
CA ASN A 138 13.46 -20.07 -2.94
C ASN A 138 13.65 -19.61 -1.51
N LYS A 139 12.61 -19.72 -0.69
CA LYS A 139 12.64 -19.22 0.69
C LYS A 139 13.60 -20.01 1.57
N GLU A 140 13.78 -21.30 1.26
CA GLU A 140 14.62 -22.16 2.08
C GLU A 140 16.06 -21.68 2.01
N SER A 141 16.52 -21.15 0.88
CA SER A 141 17.88 -20.62 0.81
C SER A 141 18.11 -19.36 1.67
N ILE A 142 17.11 -18.49 1.78
CA ILE A 142 17.19 -17.32 2.64
C ILE A 142 17.18 -17.75 4.11
N VAL A 143 16.29 -18.68 4.46
CA VAL A 143 16.21 -19.20 5.84
C VAL A 143 17.51 -19.88 6.23
N SER A 144 18.03 -20.75 5.36
CA SER A 144 19.19 -21.55 5.72
C SER A 144 20.51 -20.78 5.62
N ALA A 145 20.62 -19.92 4.60
CA ALA A 145 21.91 -19.26 4.28
C ALA A 145 21.87 -17.74 4.33
N GLY A 146 20.91 -17.19 5.06
CA GLY A 146 20.77 -15.79 5.20
C GLY A 146 22.09 -15.09 5.53
N PHE A 147 22.82 -15.60 6.52
CA PHE A 147 24.10 -14.97 6.91
C PHE A 147 25.03 -14.83 5.71
N PHE A 148 25.10 -15.89 4.92
CA PHE A 148 26.00 -15.95 3.80
C PHE A 148 25.51 -14.98 2.73
N LEU A 149 24.19 -14.94 2.48
CA LEU A 149 23.70 -14.04 1.44
C LEU A 149 23.96 -12.58 1.82
N LYS A 150 23.76 -12.24 3.09
CA LYS A 150 23.97 -10.90 3.55
C LYS A 150 25.42 -10.45 3.35
N LYS A 151 26.36 -11.35 3.70
CA LYS A 151 27.78 -11.08 3.55
C LYS A 151 28.10 -10.86 2.08
N LEU A 152 27.60 -11.75 1.23
CA LEU A 152 27.89 -11.69 -0.18
C LEU A 152 27.33 -10.38 -0.80
N LEU A 153 26.14 -9.96 -0.35
CA LEU A 153 25.51 -8.75 -0.87
C LEU A 153 26.23 -7.49 -0.44
N ASN A 154 26.96 -7.63 0.67
CA ASN A 154 27.78 -6.55 1.12
C ASN A 154 29.06 -6.37 0.33
N ILE A 155 29.57 -7.46 -0.20
CA ILE A 155 30.76 -7.47 -1.03
C ILE A 155 30.42 -6.99 -2.43
N HIS A 156 29.32 -7.51 -2.96
CA HIS A 156 28.89 -7.19 -4.33
C HIS A 156 27.78 -6.14 -4.30
N LYS A 157 28.21 -4.88 -4.29
CA LYS A 157 27.36 -3.78 -3.92
C LYS A 157 26.22 -3.55 -4.88
N ASN A 158 26.44 -3.89 -6.14
CA ASN A 158 25.43 -3.71 -7.16
C ASN A 158 24.49 -4.88 -7.32
N ALA A 159 24.78 -5.99 -6.66
CA ALA A 159 23.87 -7.14 -6.67
C ALA A 159 22.65 -6.82 -5.82
N LYS A 160 21.49 -7.35 -6.20
CA LYS A 160 20.29 -7.17 -5.40
C LYS A 160 19.47 -8.45 -5.43
N ILE A 161 18.89 -8.81 -4.29
CA ILE A 161 17.82 -9.82 -4.23
C ILE A 161 16.49 -9.10 -4.19
N ILE A 162 15.61 -9.46 -5.12
CA ILE A 162 14.27 -8.96 -5.13
C ILE A 162 13.33 -10.13 -4.80
N PRO A 163 12.46 -9.97 -3.80
CA PRO A 163 11.69 -11.14 -3.35
C PRO A 163 10.51 -11.49 -4.27
N VAL A 164 10.34 -12.78 -4.51
CA VAL A 164 9.26 -13.30 -5.33
C VAL A 164 8.21 -14.06 -4.51
N ASP A 165 8.60 -14.58 -3.34
CA ASP A 165 7.64 -15.23 -2.44
C ASP A 165 6.49 -14.24 -2.26
N SER A 166 5.24 -14.69 -2.41
CA SER A 166 4.15 -13.75 -2.59
C SER A 166 3.98 -12.75 -1.44
N GLU A 167 4.19 -13.19 -0.22
CA GLU A 167 3.97 -12.30 0.91
C GLU A 167 5.09 -11.26 0.99
N HIS A 168 6.29 -11.65 0.58
CA HIS A 168 7.47 -10.81 0.63
C HIS A 168 7.47 -9.83 -0.53
N SER A 169 6.94 -10.25 -1.67
CA SER A 169 6.67 -9.33 -2.79
C SER A 169 5.64 -8.28 -2.30
N ALA A 170 4.61 -8.75 -1.61
CA ALA A 170 3.58 -7.84 -1.17
C ALA A 170 4.18 -6.76 -0.23
N ILE A 171 4.98 -7.22 0.72
CA ILE A 171 5.65 -6.32 1.65
C ILE A 171 6.50 -5.31 0.87
N PHE A 172 7.31 -5.81 -0.05
CA PHE A 172 8.16 -4.98 -0.88
C PHE A 172 7.35 -3.94 -1.68
N GLN A 173 6.20 -4.37 -2.23
CA GLN A 173 5.35 -3.48 -3.01
C GLN A 173 4.66 -2.39 -2.14
N CYS A 174 4.64 -2.61 -0.81
CA CYS A 174 4.04 -1.66 0.14
C CYS A 174 5.04 -0.60 0.59
N LEU A 175 6.29 -0.71 0.13
CA LEU A 175 7.35 0.22 0.49
C LEU A 175 7.53 1.34 -0.53
N ASP A 176 7.96 2.50 -0.04
CA ASP A 176 8.22 3.68 -0.86
C ASP A 176 9.56 3.51 -1.55
N ASN A 177 9.57 3.42 -2.88
CA ASN A 177 10.83 3.23 -3.59
C ASN A 177 11.82 4.38 -3.44
N ASN A 178 11.34 5.55 -3.08
CA ASN A 178 12.27 6.64 -2.80
C ASN A 178 13.13 6.28 -1.58
N LYS A 179 12.62 5.47 -0.69
CA LYS A 179 13.38 4.92 0.46
C LYS A 179 14.14 3.64 0.07
N VAL A 180 13.45 2.72 -0.57
CA VAL A 180 14.08 1.46 -0.94
C VAL A 180 15.39 1.68 -1.71
N LEU A 181 15.38 2.66 -2.62
CA LEU A 181 16.51 2.87 -3.49
C LEU A 181 17.73 3.38 -2.72
N LYS A 182 17.53 3.74 -1.46
CA LYS A 182 18.68 4.17 -0.59
C LYS A 182 19.32 2.97 0.10
N THR A 183 18.72 1.78 -0.04
CA THR A 183 19.22 0.60 0.63
C THR A 183 19.00 -0.59 -0.35
N LYS A 184 18.84 -1.78 0.18
CA LYS A 184 18.44 -2.95 -0.62
C LYS A 184 18.10 -4.07 0.34
N CYS A 185 17.40 -5.08 -0.17
CA CYS A 185 17.00 -6.20 0.67
C CYS A 185 18.21 -6.93 1.26
N LEU A 186 18.02 -7.42 2.48
CA LEU A 186 19.01 -8.14 3.27
C LEU A 186 20.08 -7.24 3.86
N GLN A 187 19.86 -5.95 3.87
CA GLN A 187 20.84 -5.05 4.44
C GLN A 187 20.44 -4.71 5.84
N ASP A 188 21.43 -4.59 6.72
CA ASP A 188 21.17 -4.01 8.01
C ASP A 188 20.57 -2.65 7.84
N ASN A 189 19.61 -2.32 8.68
CA ASN A 189 18.93 -1.02 8.73
C ASN A 189 17.86 -0.79 7.66
N PHE A 190 17.55 -1.85 6.92
CA PHE A 190 16.54 -1.75 5.89
C PHE A 190 15.23 -1.19 6.47
N SER A 191 14.81 -1.73 7.62
N SER A 191 14.80 -1.74 7.60
CA SER A 191 13.55 -1.32 8.21
CA SER A 191 13.55 -1.29 8.19
C SER A 191 13.59 0.13 8.71
C SER A 191 13.63 0.16 8.62
N LYS A 192 14.72 0.54 9.26
CA LYS A 192 14.90 1.93 9.68
C LYS A 192 14.79 2.94 8.52
N ILE A 193 15.51 2.67 7.45
CA ILE A 193 15.51 3.53 6.30
C ILE A 193 14.11 3.61 5.66
N ASN A 194 13.39 2.50 5.72
CA ASN A 194 12.03 2.46 5.15
C ASN A 194 10.88 2.82 6.13
N ASN A 195 11.23 3.19 7.36
CA ASN A 195 10.23 3.57 8.36
C ASN A 195 9.28 2.44 8.73
N ILE A 196 9.75 1.21 8.62
CA ILE A 196 8.92 0.04 8.95
C ILE A 196 8.87 -0.18 10.44
N ASN A 197 7.67 -0.38 10.97
CA ASN A 197 7.49 -0.70 12.39
C ASN A 197 7.18 -2.18 12.63
N LYS A 198 6.34 -2.77 11.78
CA LYS A 198 5.79 -4.07 12.09
C LYS A 198 5.22 -4.65 10.80
N ILE A 199 5.17 -5.97 10.73
CA ILE A 199 4.67 -6.70 9.54
C ILE A 199 3.50 -7.61 9.90
N PHE A 200 2.42 -7.56 9.11
CA PHE A 200 1.37 -8.58 9.14
C PHE A 200 1.65 -9.54 7.99
N LEU A 201 2.00 -10.77 8.35
CA LEU A 201 2.37 -11.81 7.38
C LEU A 201 1.14 -12.72 7.17
N CYS A 202 0.50 -12.56 6.03
CA CYS A 202 -0.79 -13.25 5.81
C CYS A 202 -0.56 -14.72 5.46
N SER A 203 -1.47 -15.59 5.92
CA SER A 203 -1.43 -17.01 5.65
C SER A 203 -2.85 -17.47 5.27
N SER A 204 -2.93 -18.40 4.34
CA SER A 204 -4.21 -19.01 3.99
C SER A 204 -4.73 -19.78 5.18
N GLY A 205 -3.84 -20.23 6.03
CA GLY A 205 -4.17 -21.13 7.15
C GLY A 205 -4.19 -22.62 6.80
N GLY A 206 -4.18 -22.94 5.52
CA GLY A 206 -4.17 -24.35 5.08
C GLY A 206 -5.54 -25.00 5.33
N PRO A 207 -5.60 -26.31 5.17
CA PRO A 207 -6.86 -27.07 5.24
C PRO A 207 -7.37 -27.35 6.69
N PHE A 208 -6.54 -27.12 7.71
CA PHE A 208 -6.81 -27.67 9.04
C PHE A 208 -7.21 -26.67 10.14
N GLN A 209 -7.59 -25.44 9.79
CA GLN A 209 -7.87 -24.39 10.81
C GLN A 209 -9.00 -24.70 11.77
N ASN A 210 -9.92 -25.53 11.33
CA ASN A 210 -11.10 -25.76 12.14
C ASN A 210 -11.00 -27.06 12.91
N LEU A 211 -9.90 -27.79 12.72
CA LEU A 211 -9.72 -29.11 13.34
C LEU A 211 -9.29 -29.01 14.81
N THR A 212 -9.84 -29.91 15.61
CA THR A 212 -9.44 -30.07 17.01
C THR A 212 -8.05 -30.70 17.10
N MET A 213 -7.45 -30.62 18.28
CA MET A 213 -6.17 -31.31 18.51
C MET A 213 -6.29 -32.80 18.25
N ASP A 214 -7.41 -33.41 18.66
CA ASP A 214 -7.52 -34.85 18.50
C ASP A 214 -7.65 -35.21 17.04
N GLU A 215 -8.33 -34.39 16.27
CA GLU A 215 -8.41 -34.59 14.83
C GLU A 215 -7.07 -34.38 14.16
N LEU A 216 -6.33 -33.36 14.59
CA LEU A 216 -4.99 -33.14 14.02
C LEU A 216 -4.07 -34.33 14.21
N LYS A 217 -4.21 -35.01 15.34
CA LYS A 217 -3.38 -36.17 15.60
C LYS A 217 -3.42 -37.15 14.47
N ASN A 218 -4.58 -37.30 13.83
CA ASN A 218 -4.75 -38.32 12.79
C ASN A 218 -4.76 -37.84 11.36
N VAL A 219 -4.51 -36.57 11.08
CA VAL A 219 -4.54 -36.17 9.71
C VAL A 219 -3.41 -36.85 8.94
N THR A 220 -3.66 -37.05 7.65
CA THR A 220 -2.75 -37.75 6.78
C THR A 220 -2.25 -36.79 5.72
N SER A 221 -1.22 -37.20 5.00
CA SER A 221 -0.74 -36.43 3.87
C SER A 221 -1.81 -36.31 2.79
N GLU A 222 -2.65 -37.33 2.60
CA GLU A 222 -3.69 -37.23 1.58
C GLU A 222 -4.69 -36.14 1.98
N ASN A 223 -5.02 -36.04 3.26
CA ASN A 223 -5.86 -34.94 3.76
C ASN A 223 -5.22 -33.58 3.42
N ALA A 224 -3.90 -33.48 3.57
CA ALA A 224 -3.22 -32.21 3.34
C ALA A 224 -3.18 -31.86 1.87
N LEU A 225 -3.04 -32.87 1.01
CA LEU A 225 -2.86 -32.65 -0.44
C LEU A 225 -4.16 -32.59 -1.22
N LYS A 226 -5.19 -33.28 -0.75
CA LYS A 226 -6.42 -33.44 -1.51
C LYS A 226 -7.25 -32.16 -1.56
N HIS A 227 -7.83 -31.90 -2.74
CA HIS A 227 -8.71 -30.76 -2.93
C HIS A 227 -7.98 -29.45 -2.64
N PRO A 228 -6.70 -29.36 -3.04
CA PRO A 228 -5.90 -28.22 -2.58
C PRO A 228 -6.60 -26.90 -2.90
N LYS A 229 -6.80 -26.05 -1.90
CA LYS A 229 -7.30 -24.70 -2.19
C LYS A 229 -6.47 -24.10 -3.33
N TRP A 230 -5.20 -23.80 -3.04
CA TRP A 230 -4.28 -23.35 -4.06
C TRP A 230 -3.40 -24.52 -4.47
N LYS A 231 -3.34 -24.76 -5.78
CA LYS A 231 -2.61 -25.90 -6.34
C LYS A 231 -1.12 -25.58 -6.47
N MET A 232 -0.30 -26.30 -5.70
CA MET A 232 1.15 -26.08 -5.72
C MET A 232 1.83 -27.38 -5.37
N GLY A 233 3.15 -27.39 -5.36
CA GLY A 233 3.96 -28.59 -5.15
C GLY A 233 3.72 -29.25 -3.80
N LYS A 234 4.14 -30.51 -3.68
CA LYS A 234 3.79 -31.33 -2.52
C LYS A 234 4.44 -30.83 -1.24
N LYS A 235 5.70 -30.49 -1.33
CA LYS A 235 6.46 -30.08 -0.14
C LYS A 235 5.82 -28.82 0.45
N ILE A 236 5.62 -27.81 -0.38
CA ILE A 236 4.99 -26.59 0.13
C ILE A 236 3.55 -26.82 0.60
N THR A 237 2.84 -27.77 -0.01
CA THR A 237 1.48 -28.04 0.41
C THR A 237 1.43 -28.61 1.83
N ILE A 238 2.36 -29.51 2.11
CA ILE A 238 2.52 -30.04 3.47
C ILE A 238 2.90 -28.91 4.44
N ASP A 239 3.86 -28.04 4.06
CA ASP A 239 4.24 -26.92 4.95
C ASP A 239 3.07 -25.98 5.19
N SER A 240 2.19 -25.82 4.21
CA SER A 240 1.01 -24.98 4.41
C SER A 240 0.06 -25.61 5.42
N ALA A 241 0.00 -26.93 5.39
CA ALA A 241 -0.89 -27.68 6.27
C ALA A 241 -0.44 -27.61 7.72
N THR A 242 0.89 -27.64 7.94
CA THR A 242 1.44 -27.52 9.31
C THR A 242 1.67 -26.07 9.72
N MET A 243 1.53 -25.15 8.77
CA MET A 243 1.92 -23.73 8.89
C MET A 243 3.44 -23.53 9.03
N MET A 244 4.23 -24.59 8.84
CA MET A 244 5.68 -24.38 8.76
C MET A 244 5.99 -23.48 7.58
N ASN A 245 5.17 -23.47 6.54
CA ASN A 245 5.44 -22.53 5.45
C ASN A 245 5.53 -21.10 5.96
N LYS A 246 4.53 -20.70 6.75
CA LYS A 246 4.58 -19.39 7.35
C LYS A 246 5.75 -19.23 8.34
N GLY A 247 6.02 -20.27 9.11
CA GLY A 247 7.19 -20.20 9.98
C GLY A 247 8.47 -19.86 9.23
N LEU A 248 8.71 -20.57 8.15
CA LEU A 248 9.85 -20.25 7.27
C LEU A 248 9.78 -18.83 6.78
N GLU A 249 8.57 -18.40 6.39
CA GLU A 249 8.39 -17.09 5.86
C GLU A 249 8.57 -15.98 6.90
N VAL A 250 8.41 -16.31 8.19
CA VAL A 250 8.75 -15.35 9.28
C VAL A 250 10.24 -15.05 9.29
N ILE A 251 11.03 -16.10 9.24
CA ILE A 251 12.49 -15.98 9.16
C ILE A 251 12.92 -15.29 7.86
N GLU A 252 12.25 -15.60 6.78
CA GLU A 252 12.51 -14.93 5.50
C GLU A 252 12.28 -13.41 5.60
N THR A 253 11.16 -13.02 6.21
CA THR A 253 10.85 -11.63 6.49
C THR A 253 11.97 -10.93 7.28
N HIS A 254 12.36 -11.55 8.38
CA HIS A 254 13.41 -11.01 9.21
C HIS A 254 14.66 -10.76 8.40
N PHE A 255 15.09 -11.71 7.60
CA PHE A 255 16.34 -11.51 6.86
C PHE A 255 16.19 -10.50 5.73
N LEU A 256 15.14 -10.62 4.93
CA LEU A 256 14.97 -9.71 3.81
C LEU A 256 14.85 -8.25 4.20
N PHE A 257 14.14 -7.98 5.28
CA PHE A 257 13.71 -6.64 5.60
C PHE A 257 14.26 -6.08 6.94
N ASP A 258 15.04 -6.91 7.64
CA ASP A 258 15.63 -6.57 8.95
C ASP A 258 14.55 -6.11 9.93
N VAL A 259 13.50 -6.94 10.04
CA VAL A 259 12.41 -6.72 10.95
C VAL A 259 12.61 -7.69 12.15
N ASP A 260 12.56 -7.16 13.37
CA ASP A 260 12.68 -7.99 14.57
C ASP A 260 11.51 -8.99 14.63
N TYR A 261 11.78 -10.16 15.19
CA TYR A 261 10.77 -11.22 15.29
C TYR A 261 9.56 -10.78 16.09
N ASN A 262 9.74 -9.94 17.11
CA ASN A 262 8.61 -9.44 17.89
C ASN A 262 7.70 -8.51 17.11
N ASP A 263 8.17 -8.06 15.95
CA ASP A 263 7.45 -7.14 15.10
C ASP A 263 6.88 -7.82 13.86
N ILE A 264 6.85 -9.15 13.88
CA ILE A 264 6.25 -9.89 12.79
C ILE A 264 5.08 -10.69 13.36
N GLU A 265 3.91 -10.50 12.79
CA GLU A 265 2.69 -11.15 13.26
C GLU A 265 2.10 -11.96 12.13
N VAL A 266 1.90 -13.25 12.36
CA VAL A 266 1.23 -14.11 11.41
C VAL A 266 -0.29 -13.96 11.57
N ILE A 267 -0.98 -13.71 10.48
CA ILE A 267 -2.42 -13.56 10.55
C ILE A 267 -3.04 -14.48 9.51
N VAL A 268 -4.08 -15.20 9.92
CA VAL A 268 -4.75 -16.11 9.00
C VAL A 268 -5.83 -15.36 8.24
N HIS A 269 -5.68 -15.32 6.92
CA HIS A 269 -6.54 -14.59 5.99
C HIS A 269 -6.96 -15.57 4.88
N LYS A 270 -8.08 -16.25 5.11
CA LYS A 270 -8.37 -17.43 4.30
C LYS A 270 -8.70 -17.10 2.85
N GLU A 271 -9.13 -15.88 2.58
CA GLU A 271 -9.47 -15.48 1.21
C GLU A 271 -8.25 -15.29 0.28
N CYS A 272 -7.09 -15.08 0.87
CA CYS A 272 -5.86 -14.92 0.11
C CYS A 272 -5.94 -13.79 -0.91
N ILE A 273 -6.58 -12.69 -0.52
CA ILE A 273 -6.65 -11.49 -1.36
C ILE A 273 -5.59 -10.47 -0.89
N ILE A 274 -5.60 -10.15 0.40
CA ILE A 274 -4.53 -9.32 0.98
C ILE A 274 -3.31 -10.22 1.18
N HIS A 275 -2.19 -9.86 0.58
CA HIS A 275 -1.06 -10.80 0.54
C HIS A 275 -0.03 -10.58 1.65
N SER A 276 -0.12 -9.39 2.25
CA SER A 276 0.56 -9.05 3.52
C SER A 276 0.49 -7.51 3.69
N CYS A 277 0.85 -7.03 4.87
CA CYS A 277 0.70 -5.61 5.15
C CYS A 277 1.90 -5.11 5.94
N VAL A 278 2.21 -3.83 5.76
CA VAL A 278 3.29 -3.16 6.50
C VAL A 278 2.73 -1.99 7.34
N GLU A 279 3.05 -2.03 8.62
CA GLU A 279 2.76 -0.95 9.53
C GLU A 279 4.01 -0.08 9.65
N PHE A 280 3.86 1.19 9.33
CA PHE A 280 4.96 2.15 9.40
C PHE A 280 4.99 2.80 10.81
N ILE A 281 6.05 3.56 11.08
CA ILE A 281 6.30 4.03 12.41
C ILE A 281 5.24 5.05 12.91
N ASP A 282 4.43 5.64 12.01
CA ASP A 282 3.30 6.51 12.41
C ASP A 282 2.03 5.72 12.69
N LYS A 283 2.11 4.41 12.42
CA LYS A 283 1.05 3.37 12.58
C LYS A 283 0.13 3.29 11.40
N SER A 284 0.38 4.07 10.37
CA SER A 284 -0.40 3.87 9.13
C SER A 284 -0.01 2.50 8.54
N VAL A 285 -0.95 1.79 7.95
CA VAL A 285 -0.70 0.46 7.38
C VAL A 285 -0.96 0.47 5.88
N ILE A 286 -0.04 -0.11 5.10
CA ILE A 286 -0.21 -0.24 3.67
C ILE A 286 -0.25 -1.77 3.36
N SER A 287 -1.12 -2.18 2.44
CA SER A 287 -1.21 -3.59 2.06
C SER A 287 -1.27 -3.76 0.57
N GLN A 288 -0.90 -4.93 0.10
CA GLN A 288 -0.98 -5.26 -1.33
C GLN A 288 -2.00 -6.38 -1.50
N MET A 289 -2.80 -6.30 -2.56
CA MET A 289 -3.95 -7.15 -2.76
C MET A 289 -4.06 -7.54 -4.23
N TYR A 290 -4.43 -8.80 -4.45
CA TYR A 290 -4.77 -9.29 -5.78
C TYR A 290 -5.37 -10.71 -5.63
N TYR A 291 -6.05 -11.23 -6.63
CA TYR A 291 -6.33 -12.69 -6.58
C TYR A 291 -5.05 -13.48 -6.36
N PRO A 292 -5.13 -14.65 -5.70
CA PRO A 292 -4.01 -15.58 -5.67
C PRO A 292 -3.50 -15.88 -7.10
N ASP A 293 -2.26 -15.51 -7.39
CA ASP A 293 -1.72 -15.57 -8.72
C ASP A 293 -0.26 -15.20 -8.63
N MET A 294 0.64 -16.13 -8.92
CA MET A 294 2.07 -15.83 -8.80
C MET A 294 2.60 -14.89 -9.91
N GLN A 295 1.81 -14.60 -10.94
CA GLN A 295 2.31 -13.72 -11.99
C GLN A 295 2.62 -12.29 -11.52
N ILE A 296 1.86 -11.79 -10.56
CA ILE A 296 2.12 -10.42 -10.10
C ILE A 296 3.46 -10.32 -9.34
N PRO A 297 3.69 -11.20 -8.36
CA PRO A 297 4.99 -11.12 -7.66
C PRO A 297 6.19 -11.36 -8.57
N ILE A 298 6.06 -12.30 -9.51
CA ILE A 298 7.14 -12.50 -10.47
C ILE A 298 7.33 -11.27 -11.33
N LEU A 299 6.25 -10.73 -11.93
CA LEU A 299 6.39 -9.58 -12.78
C LEU A 299 7.03 -8.40 -12.03
N TYR A 300 6.55 -8.12 -10.82
CA TYR A 300 7.12 -6.98 -10.07
C TYR A 300 8.61 -7.13 -9.85
N SER A 301 9.05 -8.37 -9.60
CA SER A 301 10.47 -8.63 -9.37
C SER A 301 11.29 -8.25 -10.61
N LEU A 302 10.68 -8.30 -11.78
CA LEU A 302 11.38 -7.98 -13.04
C LEU A 302 11.17 -6.56 -13.54
N THR A 303 10.11 -5.89 -13.06
CA THR A 303 9.85 -4.52 -13.46
C THR A 303 10.32 -3.48 -12.43
N TRP A 304 10.37 -3.88 -11.17
CA TRP A 304 10.86 -3.01 -10.09
C TRP A 304 12.06 -2.19 -10.53
N PRO A 305 12.08 -0.87 -10.25
CA PRO A 305 11.18 -0.05 -9.49
C PRO A 305 9.99 0.52 -10.26
N ASP A 306 9.73 -0.01 -11.46
N ASP A 306 9.76 0.01 -11.47
CA ASP A 306 8.61 0.43 -12.29
CA ASP A 306 8.63 0.43 -12.29
C ASP A 306 7.53 -0.64 -12.28
C ASP A 306 7.53 -0.64 -12.30
N ARG A 307 6.44 -0.35 -13.01
CA ARG A 307 5.35 -1.32 -13.24
C ARG A 307 5.02 -1.17 -14.71
N ILE A 308 4.53 -2.24 -15.32
CA ILE A 308 4.10 -2.22 -16.72
C ILE A 308 2.68 -2.74 -16.87
N LYS A 309 2.08 -2.47 -18.01
CA LYS A 309 0.74 -2.90 -18.26
C LYS A 309 0.59 -4.43 -18.42
N THR A 310 -0.48 -4.97 -17.84
CA THR A 310 -0.87 -6.35 -18.09
C THR A 310 -2.31 -6.40 -18.52
N ASN A 311 -2.72 -7.57 -18.98
CA ASN A 311 -4.13 -7.84 -19.22
C ASN A 311 -4.74 -8.78 -18.20
N LEU A 312 -4.23 -8.78 -16.96
CA LEU A 312 -4.73 -9.67 -15.96
C LEU A 312 -6.13 -9.25 -15.56
N LYS A 313 -6.88 -10.23 -15.05
CA LYS A 313 -8.22 -9.96 -14.53
C LYS A 313 -8.19 -8.92 -13.41
N PRO A 314 -8.97 -7.85 -13.53
CA PRO A 314 -8.98 -6.85 -12.44
C PRO A 314 -9.68 -7.36 -11.19
N LEU A 315 -9.10 -7.05 -10.03
CA LEU A 315 -9.73 -7.36 -8.74
C LEU A 315 -11.09 -6.71 -8.58
N ASP A 316 -12.10 -7.53 -8.30
CA ASP A 316 -13.47 -7.08 -8.15
C ASP A 316 -13.83 -7.20 -6.68
N LEU A 317 -13.52 -6.14 -5.94
CA LEU A 317 -13.67 -6.17 -4.51
C LEU A 317 -15.10 -6.38 -4.05
N ALA A 318 -16.06 -5.80 -4.76
CA ALA A 318 -17.46 -6.00 -4.38
C ALA A 318 -17.85 -7.48 -4.52
N GLN A 319 -17.34 -8.14 -5.54
CA GLN A 319 -17.63 -9.56 -5.75
C GLN A 319 -16.94 -10.39 -4.66
N VAL A 320 -15.70 -10.03 -4.33
CA VAL A 320 -15.02 -10.68 -3.21
C VAL A 320 -15.83 -10.55 -1.94
N SER A 321 -16.30 -9.33 -1.67
CA SER A 321 -17.31 -9.02 -0.67
C SER A 321 -16.84 -9.03 0.80
N THR A 322 -16.16 -10.09 1.21
CA THR A 322 -15.72 -10.24 2.59
C THR A 322 -14.26 -10.70 2.69
N LEU A 323 -13.50 -10.02 3.55
CA LEU A 323 -12.17 -10.42 3.88
C LEU A 323 -12.10 -10.68 5.38
N THR A 324 -11.44 -11.75 5.78
CA THR A 324 -11.37 -12.12 7.20
C THR A 324 -9.97 -12.35 7.71
N PHE A 325 -9.82 -12.20 9.04
CA PHE A 325 -8.52 -12.26 9.68
C PHE A 325 -8.68 -12.81 11.08
N HIS A 326 -7.85 -13.79 11.41
CA HIS A 326 -7.83 -14.30 12.78
C HIS A 326 -6.44 -14.77 13.15
N LYS A 327 -6.18 -14.83 14.46
CA LYS A 327 -4.92 -15.32 14.96
C LYS A 327 -4.77 -16.84 14.77
N PRO A 328 -3.58 -17.32 14.39
CA PRO A 328 -3.32 -18.77 14.33
C PRO A 328 -3.17 -19.32 15.74
N SER A 329 -3.68 -20.52 15.99
CA SER A 329 -3.45 -21.18 17.27
C SER A 329 -2.11 -21.90 17.31
N LEU A 330 -1.20 -21.45 18.19
CA LEU A 330 0.13 -22.05 18.25
C LEU A 330 0.09 -23.50 18.79
N GLU A 331 -0.94 -23.82 19.59
CA GLU A 331 -1.12 -25.18 20.06
C GLU A 331 -1.40 -26.13 18.89
N HIS A 332 -2.21 -25.71 17.94
CA HIS A 332 -2.61 -26.53 16.82
C HIS A 332 -1.56 -26.53 15.71
N PHE A 333 -0.76 -25.47 15.64
CA PHE A 333 0.26 -25.32 14.62
C PHE A 333 1.62 -25.02 15.27
N PRO A 334 2.13 -25.99 16.02
CA PRO A 334 3.36 -25.79 16.81
C PRO A 334 4.57 -25.50 15.95
N CYS A 335 4.54 -25.84 14.67
CA CYS A 335 5.67 -25.48 13.79
C CYS A 335 5.91 -23.95 13.74
N ILE A 336 4.86 -23.14 13.89
CA ILE A 336 5.02 -21.68 13.89
C ILE A 336 5.85 -21.24 15.08
N LYS A 337 5.54 -21.79 16.25
CA LYS A 337 6.29 -21.45 17.45
C LYS A 337 7.74 -21.86 17.32
N LEU A 338 7.99 -23.05 16.78
CA LEU A 338 9.35 -23.52 16.58
C LEU A 338 10.16 -22.60 15.68
N ALA A 339 9.53 -22.11 14.62
CA ALA A 339 10.19 -21.17 13.74
C ALA A 339 10.57 -19.86 14.45
N TYR A 340 9.64 -19.28 15.21
CA TYR A 340 9.96 -18.08 15.95
C TYR A 340 11.10 -18.37 16.93
N GLN A 341 11.03 -19.49 17.62
CA GLN A 341 12.05 -19.83 18.64
C GLN A 341 13.45 -19.96 18.00
N ALA A 342 13.49 -20.62 16.83
CA ALA A 342 14.74 -20.77 16.11
C ALA A 342 15.23 -19.42 15.62
N GLY A 343 14.33 -18.59 15.08
CA GLY A 343 14.77 -17.30 14.55
C GLY A 343 15.31 -16.41 15.67
N ILE A 344 14.60 -16.38 16.80
CA ILE A 344 14.96 -15.55 17.93
C ILE A 344 16.26 -16.06 18.54
N LYS A 345 16.45 -17.37 18.62
CA LYS A 345 17.72 -17.88 19.14
C LYS A 345 18.86 -17.48 18.16
N GLY A 346 18.57 -17.41 16.86
CA GLY A 346 19.53 -16.92 15.90
C GLY A 346 20.63 -17.92 15.60
N ASN A 347 21.86 -17.44 15.40
CA ASN A 347 22.94 -18.37 15.04
C ASN A 347 22.46 -19.26 13.90
N PHE A 348 22.81 -20.53 13.88
CA PHE A 348 22.39 -21.38 12.80
C PHE A 348 21.14 -22.17 13.08
N TYR A 349 20.37 -21.74 14.09
CA TYR A 349 19.13 -22.45 14.38
C TYR A 349 18.16 -22.43 13.18
N PRO A 350 18.11 -21.34 12.42
CA PRO A 350 17.23 -21.41 11.21
C PRO A 350 17.71 -22.48 10.19
N THR A 351 19.02 -22.64 10.04
CA THR A 351 19.56 -23.70 9.17
C THR A 351 19.04 -25.07 9.64
N VAL A 352 19.11 -25.28 10.95
CA VAL A 352 18.67 -26.51 11.57
C VAL A 352 17.15 -26.76 11.41
N LEU A 353 16.36 -25.73 11.64
CA LEU A 353 14.91 -25.80 11.47
C LEU A 353 14.57 -26.22 10.06
N ASN A 354 15.18 -25.55 9.10
CA ASN A 354 14.88 -25.84 7.70
C ASN A 354 15.24 -27.29 7.34
N ALA A 355 16.44 -27.71 7.73
CA ALA A 355 16.92 -29.01 7.37
C ALA A 355 16.07 -30.12 8.04
N SER A 356 15.77 -29.99 9.33
CA SER A 356 14.98 -30.99 10.01
C SER A 356 13.56 -31.04 9.45
N ASN A 357 13.03 -29.89 9.05
CA ASN A 357 11.70 -29.86 8.45
C ASN A 357 11.70 -30.54 7.09
N GLU A 358 12.79 -30.37 6.33
CA GLU A 358 12.91 -31.05 5.07
C GLU A 358 12.69 -32.56 5.22
N ILE A 359 13.33 -33.14 6.22
CA ILE A 359 13.19 -34.55 6.54
C ILE A 359 11.79 -34.90 7.08
N ALA A 360 11.32 -34.16 8.08
CA ALA A 360 10.03 -34.45 8.71
C ALA A 360 8.85 -34.30 7.72
N ASN A 361 8.90 -33.25 6.90
CA ASN A 361 7.89 -33.02 5.86
C ASN A 361 7.77 -34.25 4.93
N ASN A 362 8.91 -34.71 4.45
CA ASN A 362 8.93 -35.83 3.55
C ASN A 362 8.50 -37.17 4.19
N LEU A 363 8.87 -37.41 5.43
CA LEU A 363 8.38 -38.58 6.17
C LEU A 363 6.85 -38.56 6.27
N PHE A 364 6.28 -37.39 6.58
CA PHE A 364 4.83 -37.27 6.69
C PHE A 364 4.16 -37.44 5.34
N LEU A 365 4.74 -36.79 4.33
CA LEU A 365 4.28 -36.96 2.96
C LEU A 365 4.16 -38.45 2.62
N ASN A 366 5.13 -39.25 3.04
CA ASN A 366 5.18 -40.66 2.67
C ASN A 366 4.58 -41.59 3.72
N ASN A 367 3.74 -41.02 4.58
CA ASN A 367 2.96 -41.76 5.56
C ASN A 367 3.79 -42.53 6.59
N LYS A 368 4.97 -42.01 6.94
CA LYS A 368 5.85 -42.67 7.91
C LYS A 368 5.72 -42.14 9.33
N ILE A 369 5.19 -40.92 9.50
CA ILE A 369 5.02 -40.31 10.81
C ILE A 369 3.71 -39.57 10.79
N LYS A 370 3.30 -39.14 11.96
CA LYS A 370 2.06 -38.42 12.13
C LYS A 370 2.28 -36.88 12.23
N TYR A 371 1.18 -36.13 12.18
CA TYR A 371 1.20 -34.67 12.14
C TYR A 371 2.04 -34.08 13.26
N PHE A 372 1.82 -34.50 14.49
CA PHE A 372 2.57 -33.91 15.59
C PHE A 372 4.00 -34.45 15.71
N ASP A 373 4.27 -35.57 15.04
CA ASP A 373 5.64 -36.05 14.98
C ASP A 373 6.51 -35.06 14.19
N ILE A 374 5.90 -34.33 13.24
CA ILE A 374 6.69 -33.40 12.44
C ILE A 374 7.38 -32.39 13.36
N SER A 375 6.57 -31.71 14.17
CA SER A 375 7.04 -30.74 15.13
C SER A 375 7.86 -31.39 16.22
N SER A 376 7.52 -32.60 16.62
CA SER A 376 8.32 -33.27 17.63
C SER A 376 9.77 -33.50 17.14
N ILE A 377 9.92 -34.04 15.94
CA ILE A 377 11.26 -34.30 15.39
C ILE A 377 12.03 -32.99 15.25
N ILE A 378 11.40 -31.97 14.66
CA ILE A 378 12.08 -30.67 14.49
C ILE A 378 12.55 -30.13 15.85
N SER A 379 11.66 -30.18 16.84
CA SER A 379 11.99 -29.73 18.17
C SER A 379 13.19 -30.44 18.73
N GLN A 380 13.20 -31.76 18.60
CA GLN A 380 14.31 -32.55 19.15
C GLN A 380 15.64 -32.20 18.48
N VAL A 381 15.62 -32.00 17.18
CA VAL A 381 16.84 -31.64 16.44
C VAL A 381 17.30 -30.27 16.92
N LEU A 382 16.40 -29.31 17.03
CA LEU A 382 16.75 -27.99 17.51
C LEU A 382 17.37 -28.08 18.91
N GLU A 383 16.77 -28.93 19.74
CA GLU A 383 17.30 -29.11 21.10
C GLU A 383 18.68 -29.76 21.11
N SER A 384 19.00 -30.50 20.05
CA SER A 384 20.28 -31.23 19.95
C SER A 384 21.40 -30.38 19.38
N PHE A 385 21.08 -29.16 18.92
CA PHE A 385 22.07 -28.30 18.28
C PHE A 385 22.78 -27.45 19.28
N ASN A 386 24.11 -27.38 19.17
CA ASN A 386 24.89 -26.40 19.92
C ASN A 386 25.31 -25.24 18.98
N SER A 387 25.05 -24.01 19.40
CA SER A 387 25.50 -22.84 18.65
C SER A 387 26.97 -22.88 18.32
N GLN A 388 27.30 -22.34 17.15
CA GLN A 388 28.69 -22.30 16.70
C GLN A 388 29.13 -20.87 16.44
N LYS A 389 30.41 -20.59 16.65
CA LYS A 389 30.95 -19.33 16.26
C LYS A 389 30.73 -19.15 14.76
N VAL A 390 30.20 -18.00 14.37
CA VAL A 390 29.90 -17.72 12.95
C VAL A 390 31.20 -17.36 12.19
N SER A 391 31.52 -18.12 11.16
CA SER A 391 32.74 -17.87 10.39
CA SER A 391 32.75 -17.84 10.42
C SER A 391 32.71 -16.48 9.77
N GLU A 392 33.82 -15.75 9.89
CA GLU A 392 33.97 -14.44 9.25
C GLU A 392 34.25 -14.59 7.76
N ASN A 393 34.92 -15.67 7.42
CA ASN A 393 35.36 -15.93 6.07
C ASN A 393 34.19 -16.48 5.26
N SER A 394 33.91 -15.86 4.11
CA SER A 394 32.76 -16.26 3.29
C SER A 394 32.72 -17.74 2.89
N GLU A 395 33.87 -18.27 2.48
CA GLU A 395 33.96 -19.66 2.04
C GLU A 395 33.76 -20.59 3.23
N ASP A 396 34.32 -20.21 4.39
CA ASP A 396 34.22 -21.02 5.59
C ASP A 396 32.76 -21.04 6.06
N LEU A 397 32.10 -19.91 5.85
CA LEU A 397 30.72 -19.71 6.33
C LEU A 397 29.79 -20.60 5.55
N MET A 398 29.95 -20.61 4.23
CA MET A 398 29.16 -21.52 3.42
C MET A 398 29.36 -23.00 3.80
N LYS A 399 30.62 -23.40 4.06
CA LYS A 399 30.88 -24.78 4.46
C LYS A 399 30.22 -25.10 5.79
N GLN A 400 30.21 -24.11 6.69
CA GLN A 400 29.58 -24.25 7.99
C GLN A 400 28.05 -24.48 7.82
N ILE A 401 27.42 -23.67 6.97
CA ILE A 401 25.99 -23.87 6.68
C ILE A 401 25.70 -25.28 6.11
N LEU A 402 26.50 -25.71 5.15
CA LEU A 402 26.30 -27.02 4.52
C LEU A 402 26.50 -28.12 5.54
N GLN A 403 27.49 -27.98 6.41
CA GLN A 403 27.79 -29.00 7.42
C GLN A 403 26.62 -29.12 8.38
N ILE A 404 26.12 -27.98 8.83
CA ILE A 404 25.02 -27.94 9.77
C ILE A 404 23.75 -28.49 9.13
N HIS A 405 23.48 -28.15 7.88
CA HIS A 405 22.32 -28.67 7.15
C HIS A 405 22.35 -30.19 7.10
N SER A 406 23.50 -30.73 6.70
N SER A 406 23.51 -30.71 6.69
CA SER A 406 23.68 -32.15 6.61
CA SER A 406 23.74 -32.13 6.62
C SER A 406 23.54 -32.84 7.97
C SER A 406 23.54 -32.83 7.96
N TRP A 407 24.17 -32.29 8.99
CA TRP A 407 24.08 -32.86 10.33
C TRP A 407 22.60 -32.92 10.75
N ALA A 408 21.87 -31.84 10.51
CA ALA A 408 20.49 -31.73 11.01
C ALA A 408 19.60 -32.73 10.28
N LYS A 409 19.83 -32.92 8.99
CA LYS A 409 19.01 -33.90 8.28
C LYS A 409 19.29 -35.27 8.89
N ASP A 410 20.58 -35.56 9.11
CA ASP A 410 20.95 -36.86 9.64
C ASP A 410 20.34 -37.08 11.00
N LYS A 411 20.34 -36.04 11.82
CA LYS A 411 19.83 -36.15 13.18
C LYS A 411 18.31 -36.40 13.15
N ALA A 412 17.58 -35.69 12.28
CA ALA A 412 16.16 -35.94 12.10
C ALA A 412 15.90 -37.41 11.73
N THR A 413 16.63 -37.92 10.73
CA THR A 413 16.46 -39.28 10.23
C THR A 413 16.79 -40.32 11.33
N ASP A 414 17.82 -40.04 12.11
N ASP A 414 17.82 -40.04 12.11
CA ASP A 414 18.24 -40.93 13.20
CA ASP A 414 18.21 -40.92 13.20
C ASP A 414 17.17 -40.99 14.28
C ASP A 414 17.08 -41.01 14.19
N ILE A 415 16.52 -39.86 14.55
CA ILE A 415 15.42 -39.81 15.51
C ILE A 415 14.25 -40.63 15.01
N TYR A 416 13.94 -40.51 13.72
CA TYR A 416 12.88 -41.29 13.15
C TYR A 416 13.22 -42.77 13.29
N ASN A 417 14.44 -43.13 12.89
CA ASN A 417 14.84 -44.54 12.82
C ASN A 417 14.80 -45.21 14.19
N LYS A 418 15.19 -44.47 15.23
CA LYS A 418 15.12 -44.99 16.59
C LYS A 418 13.69 -45.31 16.97
N HIS A 419 12.79 -44.38 16.71
CA HIS A 419 11.42 -44.49 17.16
C HIS A 419 10.69 -45.52 16.28
N ASN A 420 11.30 -45.85 15.16
CA ASN A 420 10.67 -46.70 14.17
C ASN A 420 10.96 -48.19 14.38
N PRO B 11 13.46 21.14 11.45
CA PRO B 11 12.10 21.35 12.00
C PRO B 11 11.10 21.72 10.92
N ILE B 12 9.89 21.21 11.04
CA ILE B 12 8.85 21.52 10.08
C ILE B 12 8.06 22.71 10.64
N ASN B 13 8.10 23.83 9.91
CA ASN B 13 7.42 25.05 10.30
C ASN B 13 6.00 25.12 9.69
N VAL B 14 4.99 25.10 10.55
CA VAL B 14 3.60 24.93 10.12
C VAL B 14 2.66 26.04 10.60
N ALA B 15 1.74 26.43 9.74
CA ALA B 15 0.65 27.31 10.07
C ALA B 15 -0.63 26.54 9.98
N ILE B 16 -1.52 26.78 10.94
CA ILE B 16 -2.81 26.15 10.94
C ILE B 16 -3.90 27.19 10.78
N PHE B 17 -4.63 27.09 9.68
CA PHE B 17 -5.75 27.97 9.43
C PHE B 17 -7.05 27.26 9.84
N GLY B 18 -7.74 27.85 10.81
CA GLY B 18 -8.92 27.23 11.37
C GLY B 18 -8.55 26.31 12.53
N SER B 19 -7.72 26.82 13.43
CA SER B 19 -7.07 26.00 14.44
C SER B 19 -8.03 25.45 15.50
N THR B 20 -9.23 26.01 15.63
CA THR B 20 -10.15 25.55 16.67
C THR B 20 -11.24 24.69 16.11
N GLY B 21 -11.26 24.51 14.79
CA GLY B 21 -12.15 23.55 14.18
C GLY B 21 -11.64 22.11 14.29
N SER B 22 -12.30 21.20 13.61
CA SER B 22 -12.02 19.79 13.80
C SER B 22 -10.66 19.38 13.21
N ILE B 23 -10.42 19.80 11.98
CA ILE B 23 -9.12 19.55 11.36
C ILE B 23 -8.01 20.21 12.15
N GLY B 24 -8.22 21.47 12.57
CA GLY B 24 -7.20 22.20 13.30
C GLY B 24 -6.85 21.56 14.63
N THR B 25 -7.87 21.09 15.35
N THR B 25 -7.89 21.10 15.33
CA THR B 25 -7.61 20.50 16.67
CA THR B 25 -7.74 20.45 16.64
C THR B 25 -6.99 19.09 16.57
C THR B 25 -6.95 19.15 16.49
N ASN B 26 -7.40 18.30 15.58
CA ASN B 26 -6.69 17.04 15.30
C ASN B 26 -5.25 17.31 14.91
N ALA B 27 -5.02 18.36 14.15
CA ALA B 27 -3.65 18.71 13.72
C ALA B 27 -2.80 19.06 14.94
N LEU B 28 -3.32 19.89 15.82
CA LEU B 28 -2.50 20.27 16.98
C LEU B 28 -2.32 19.08 17.92
N ASN B 29 -3.31 18.19 18.03
CA ASN B 29 -3.17 17.00 18.87
CA ASN B 29 -3.14 17.00 18.87
C ASN B 29 -2.03 16.10 18.35
N ILE B 30 -1.95 15.88 17.07
CA ILE B 30 -0.93 14.97 16.57
C ILE B 30 0.44 15.62 16.58
N ILE B 31 0.47 16.94 16.37
CA ILE B 31 1.72 17.69 16.47
C ILE B 31 2.23 17.60 17.92
N ARG B 32 1.34 17.86 18.87
CA ARG B 32 1.72 17.77 20.29
C ARG B 32 2.29 16.37 20.60
N GLU B 33 1.57 15.34 20.22
CA GLU B 33 2.02 13.99 20.57
C GLU B 33 3.35 13.60 19.90
N CYS B 34 3.50 13.95 18.62
CA CYS B 34 4.71 13.64 17.90
C CYS B 34 5.92 14.43 18.45
N ASN B 35 5.69 15.68 18.87
CA ASN B 35 6.76 16.51 19.43
C ASN B 35 7.22 16.01 20.80
N LYS B 36 6.36 15.27 21.49
CA LYS B 36 6.80 14.61 22.75
C LYS B 36 7.82 13.51 22.51
N ILE B 37 7.74 12.90 21.32
CA ILE B 37 8.62 11.81 20.97
C ILE B 37 9.93 12.38 20.43
N GLU B 38 9.82 13.40 19.60
CA GLU B 38 10.97 14.08 19.03
C GLU B 38 10.56 15.47 18.55
N ASN B 39 11.40 16.46 18.81
CA ASN B 39 11.07 17.82 18.42
C ASN B 39 11.10 17.93 16.92
N VAL B 40 9.93 17.97 16.31
CA VAL B 40 9.84 17.91 14.85
C VAL B 40 9.10 19.10 14.25
N PHE B 41 8.09 19.58 14.95
CA PHE B 41 7.24 20.63 14.40
C PHE B 41 7.36 21.93 15.19
N ASN B 42 7.44 23.03 14.47
CA ASN B 42 7.29 24.34 15.06
CA ASN B 42 7.30 24.35 15.05
C ASN B 42 5.98 24.91 14.57
N VAL B 43 5.05 25.12 15.49
CA VAL B 43 3.79 25.77 15.16
C VAL B 43 4.02 27.27 15.08
N LYS B 44 4.05 27.79 13.86
CA LYS B 44 4.51 29.16 13.62
C LYS B 44 3.37 30.16 13.60
N ALA B 45 2.16 29.69 13.37
CA ALA B 45 1.01 30.56 13.19
C ALA B 45 -0.29 29.85 13.46
N LEU B 46 -1.20 30.56 14.11
CA LEU B 46 -2.54 30.06 14.31
C LEU B 46 -3.57 31.09 13.89
N TYR B 47 -4.59 30.62 13.18
CA TYR B 47 -5.61 31.48 12.61
C TYR B 47 -6.98 30.93 12.93
N VAL B 48 -7.81 31.77 13.56
CA VAL B 48 -9.18 31.43 13.85
C VAL B 48 -10.09 32.58 13.44
N ASN B 49 -11.37 32.28 13.33
CA ASN B 49 -12.36 33.32 13.14
C ASN B 49 -12.59 34.22 14.38
N LYS B 50 -13.17 33.66 15.44
CA LYS B 50 -13.60 34.47 16.60
C LYS B 50 -13.29 33.88 17.98
N SER B 51 -12.76 32.66 18.04
CA SER B 51 -12.57 31.97 19.30
C SER B 51 -11.34 32.48 20.08
N VAL B 52 -11.43 33.73 20.52
CA VAL B 52 -10.30 34.38 21.15
C VAL B 52 -9.80 33.60 22.37
N ASN B 53 -10.72 33.05 23.17
CA ASN B 53 -10.28 32.39 24.39
C ASN B 53 -9.54 31.10 24.06
N GLU B 54 -10.12 30.32 23.16
CA GLU B 54 -9.48 29.09 22.69
C GLU B 54 -8.14 29.34 22.01
N LEU B 55 -8.05 30.45 21.26
CA LEU B 55 -6.80 30.79 20.60
C LEU B 55 -5.75 31.17 21.62
N TYR B 56 -6.13 31.96 22.64
CA TYR B 56 -5.20 32.29 23.72
C TYR B 56 -4.65 31.00 24.35
N GLU B 57 -5.52 30.01 24.57
CA GLU B 57 -5.08 28.78 25.23
C GLU B 57 -4.10 27.98 24.36
N GLN B 58 -4.34 27.99 23.05
CA GLN B 58 -3.44 27.34 22.11
C GLN B 58 -2.14 28.12 22.06
N ALA B 59 -2.24 29.45 22.10
CA ALA B 59 -1.07 30.31 22.13
C ALA B 59 -0.21 30.07 23.37
N ARG B 60 -0.86 29.89 24.51
CA ARG B 60 -0.14 29.66 25.77
C ARG B 60 0.65 28.38 25.65
N GLU B 61 0.06 27.41 24.98
CA GLU B 61 0.72 26.13 24.84
C GLU B 61 1.75 26.14 23.73
N PHE B 62 1.34 26.57 22.53
CA PHE B 62 2.20 26.42 21.36
C PHE B 62 3.10 27.61 21.06
N LEU B 63 2.84 28.75 21.69
CA LEU B 63 3.70 29.94 21.58
C LEU B 63 4.06 30.26 20.12
N PRO B 64 3.06 30.34 19.24
CA PRO B 64 3.40 30.64 17.84
C PRO B 64 3.82 32.09 17.61
N GLU B 65 4.74 32.28 16.66
CA GLU B 65 5.20 33.60 16.27
C GLU B 65 4.05 34.46 15.78
N TYR B 66 3.09 33.85 15.09
CA TYR B 66 1.93 34.56 14.58
C TYR B 66 0.61 34.13 15.20
N LEU B 67 -0.21 35.12 15.56
CA LEU B 67 -1.61 34.89 15.89
C LEU B 67 -2.44 35.77 15.00
N CYS B 68 -3.53 35.22 14.48
CA CYS B 68 -4.42 35.98 13.61
C CYS B 68 -5.82 35.61 13.93
N ILE B 69 -6.67 36.63 14.04
CA ILE B 69 -8.07 36.42 14.26
C ILE B 69 -8.83 37.17 13.17
N HIS B 70 -9.84 36.53 12.60
CA HIS B 70 -10.54 37.13 11.50
C HIS B 70 -11.54 38.24 11.92
N ASP B 71 -12.00 38.18 13.16
CA ASP B 71 -13.00 39.12 13.69
C ASP B 71 -12.33 40.27 14.41
N LYS B 72 -12.26 41.43 13.75
CA LYS B 72 -11.58 42.61 14.29
C LYS B 72 -12.08 42.97 15.70
N SER B 73 -13.31 42.57 16.03
CA SER B 73 -13.93 43.00 17.29
C SER B 73 -13.36 42.28 18.52
N VAL B 74 -12.58 41.21 18.30
CA VAL B 74 -11.95 40.52 19.42
C VAL B 74 -10.43 40.66 19.42
N TYR B 75 -9.95 41.47 18.49
CA TYR B 75 -8.53 41.70 18.28
C TYR B 75 -7.85 42.28 19.54
N GLU B 76 -8.43 43.33 20.11
CA GLU B 76 -7.81 43.96 21.27
C GLU B 76 -7.84 43.02 22.45
N GLU B 77 -8.93 42.29 22.58
CA GLU B 77 -9.04 41.35 23.69
C GLU B 77 -7.88 40.36 23.66
N LEU B 78 -7.58 39.88 22.45
CA LEU B 78 -6.49 38.93 22.22
C LEU B 78 -5.17 39.51 22.66
N LYS B 79 -4.92 40.78 22.31
CA LYS B 79 -3.67 41.42 22.69
C LYS B 79 -3.46 41.37 24.22
N GLU B 80 -4.48 41.71 24.98
CA GLU B 80 -4.32 41.74 26.45
C GLU B 80 -4.07 40.36 26.99
N LEU B 81 -4.92 39.44 26.54
CA LEU B 81 -4.84 38.08 26.99
C LEU B 81 -3.42 37.63 26.92
N VAL B 82 -2.77 37.91 25.79
CA VAL B 82 -1.45 37.38 25.49
C VAL B 82 -0.34 37.94 26.38
N LYS B 83 -0.60 39.09 27.00
CA LYS B 83 0.34 39.67 27.97
C LYS B 83 0.54 38.74 29.16
N ASN B 84 -0.47 37.91 29.42
CA ASN B 84 -0.39 36.87 30.43
C ASN B 84 0.70 35.83 30.20
N ILE B 85 1.24 35.77 28.98
CA ILE B 85 2.15 34.69 28.67
C ILE B 85 3.60 35.11 28.87
N LYS B 86 4.30 34.36 29.72
CA LYS B 86 5.67 34.67 30.05
C LYS B 86 6.56 34.49 28.84
N ASP B 87 7.53 35.38 28.69
CA ASP B 87 8.60 35.23 27.70
C ASP B 87 8.01 35.02 26.30
N TYR B 88 6.97 35.79 25.95
CA TYR B 88 6.27 35.58 24.69
C TYR B 88 5.83 36.89 24.07
N LYS B 89 6.33 37.19 22.87
CA LYS B 89 6.01 38.45 22.19
C LYS B 89 5.65 38.19 20.72
N PRO B 90 4.39 37.79 20.47
CA PRO B 90 3.95 37.37 19.15
C PRO B 90 3.54 38.53 18.27
N ILE B 91 3.59 38.28 16.97
CA ILE B 91 3.01 39.17 16.00
C ILE B 91 1.52 38.87 15.95
N ILE B 92 0.72 39.84 16.34
CA ILE B 92 -0.71 39.62 16.50
C ILE B 92 -1.45 40.39 15.42
N LEU B 93 -2.25 39.66 14.65
CA LEU B 93 -2.80 40.18 13.40
C LEU B 93 -4.25 39.87 13.32
N CYS B 94 -4.88 40.33 12.25
CA CYS B 94 -6.31 40.21 12.13
C CYS B 94 -6.79 40.29 10.68
N GLY B 95 -7.89 39.60 10.40
CA GLY B 95 -8.54 39.64 9.10
C GLY B 95 -7.88 38.94 7.93
N ASP B 96 -8.49 39.10 6.76
CA ASP B 96 -7.90 38.66 5.50
C ASP B 96 -6.45 39.08 5.32
N GLU B 97 -6.11 40.31 5.69
CA GLU B 97 -4.74 40.70 5.41
C GLU B 97 -3.76 40.04 6.36
N GLY B 98 -4.19 39.74 7.60
CA GLY B 98 -3.32 39.01 8.54
C GLY B 98 -2.98 37.65 7.94
N MET B 99 -3.98 37.08 7.29
CA MET B 99 -3.86 35.79 6.65
C MET B 99 -2.87 35.82 5.45
N LYS B 100 -2.95 36.87 4.64
CA LYS B 100 -1.99 37.07 3.57
C LYS B 100 -0.59 37.26 4.11
N GLU B 101 -0.48 37.97 5.23
CA GLU B 101 0.83 38.21 5.82
C GLU B 101 1.44 36.90 6.32
N ILE B 102 0.63 36.06 6.96
CA ILE B 102 1.12 34.76 7.41
C ILE B 102 1.58 33.92 6.20
N CYS B 103 0.77 33.86 5.15
CA CYS B 103 1.12 33.08 3.96
C CYS B 103 2.43 33.49 3.30
N SER B 104 2.80 34.74 3.44
CA SER B 104 3.98 35.27 2.76
C SER B 104 5.23 35.22 3.63
N SER B 105 5.09 34.87 4.92
CA SER B 105 6.27 34.74 5.77
C SER B 105 7.26 33.66 5.29
N ASN B 106 8.55 33.99 5.26
CA ASN B 106 9.55 33.02 4.87
C ASN B 106 9.81 32.01 5.98
N SER B 107 9.20 32.19 7.14
CA SER B 107 9.46 31.27 8.24
C SER B 107 8.40 30.16 8.31
N ILE B 108 7.47 30.17 7.35
CA ILE B 108 6.44 29.14 7.26
C ILE B 108 6.58 28.30 6.02
N ASP B 109 6.57 26.97 6.19
CA ASP B 109 6.81 26.07 5.08
C ASP B 109 5.53 25.35 4.63
N LYS B 110 4.67 25.03 5.59
CA LYS B 110 3.49 24.22 5.32
C LYS B 110 2.29 24.83 6.02
N ILE B 111 1.18 24.85 5.31
CA ILE B 111 -0.02 25.47 5.81
C ILE B 111 -1.18 24.48 5.74
N VAL B 112 -1.79 24.22 6.91
CA VAL B 112 -2.96 23.39 6.99
C VAL B 112 -4.24 24.22 6.77
N ILE B 113 -5.00 23.88 5.73
CA ILE B 113 -6.26 24.59 5.45
C ILE B 113 -7.42 23.81 6.04
N GLY B 114 -7.87 24.26 7.22
CA GLY B 114 -8.98 23.63 7.93
C GLY B 114 -10.16 24.60 8.08
N ILE B 115 -10.34 25.46 7.07
CA ILE B 115 -11.45 26.43 6.96
C ILE B 115 -12.27 26.02 5.76
N ASP B 116 -13.60 26.25 5.79
CA ASP B 116 -14.46 25.97 4.62
C ASP B 116 -14.79 27.19 3.74
N SER B 117 -15.56 26.92 2.68
CA SER B 117 -16.19 27.97 1.86
C SER B 117 -15.19 28.98 1.32
N PHE B 118 -15.60 30.25 1.34
CA PHE B 118 -14.83 31.34 0.77
C PHE B 118 -13.42 31.38 1.33
N GLN B 119 -13.35 31.46 2.64
CA GLN B 119 -12.11 31.74 3.35
C GLN B 119 -11.13 30.58 3.19
N GLY B 120 -11.69 29.39 3.01
CA GLY B 120 -10.87 28.22 2.69
C GLY B 120 -10.22 28.38 1.31
N LEU B 121 -11.01 28.75 0.31
CA LEU B 121 -10.47 28.89 -1.03
C LEU B 121 -9.50 30.05 -1.11
N TYR B 122 -9.86 31.14 -0.44
CA TYR B 122 -9.05 32.34 -0.41
C TYR B 122 -7.69 32.10 0.24
N SER B 123 -7.67 31.48 1.41
CA SER B 123 -6.38 31.16 2.05
C SER B 123 -5.57 30.14 1.24
N THR B 124 -6.24 29.20 0.61
CA THR B 124 -5.56 28.22 -0.25
C THR B 124 -4.85 28.97 -1.39
N MET B 125 -5.56 29.89 -2.03
CA MET B 125 -4.99 30.68 -3.14
C MET B 125 -3.76 31.44 -2.67
N TYR B 126 -3.86 32.15 -1.57
CA TYR B 126 -2.69 32.85 -1.08
C TYR B 126 -1.50 31.92 -0.69
N ALA B 127 -1.80 30.76 -0.13
CA ALA B 127 -0.77 29.79 0.22
C ALA B 127 -0.02 29.34 -1.04
N ILE B 128 -0.78 29.07 -2.10
CA ILE B 128 -0.20 28.65 -3.36
C ILE B 128 0.62 29.77 -3.98
N MET B 129 0.09 30.99 -3.92
CA MET B 129 0.77 32.12 -4.53
C MET B 129 2.10 32.32 -3.87
N ASN B 130 2.22 31.90 -2.60
CA ASN B 130 3.47 32.04 -1.87
C ASN B 130 4.32 30.75 -1.88
N ASN B 131 3.95 29.85 -2.79
CA ASN B 131 4.79 28.70 -3.10
C ASN B 131 4.97 27.76 -1.92
N LYS B 132 3.91 27.64 -1.12
CA LYS B 132 3.97 26.78 0.06
C LYS B 132 3.46 25.37 -0.24
N ILE B 133 3.70 24.47 0.70
CA ILE B 133 3.03 23.19 0.74
C ILE B 133 1.71 23.42 1.48
N VAL B 134 0.60 23.00 0.85
CA VAL B 134 -0.72 23.33 1.32
C VAL B 134 -1.46 22.02 1.61
N ALA B 135 -1.67 21.74 2.88
CA ALA B 135 -2.38 20.53 3.33
C ALA B 135 -3.84 20.85 3.35
N LEU B 136 -4.56 20.35 2.32
CA LEU B 136 -5.89 20.83 2.03
C LEU B 136 -6.92 19.81 2.44
N ALA B 137 -7.76 20.21 3.39
CA ALA B 137 -8.85 19.37 3.85
C ALA B 137 -10.21 19.79 3.25
N ASN B 138 -10.29 21.02 2.73
CA ASN B 138 -11.55 21.58 2.17
C ASN B 138 -11.84 21.06 0.76
N LYS B 139 -12.56 19.94 0.66
CA LYS B 139 -12.81 19.30 -0.64
C LYS B 139 -13.63 20.15 -1.58
N GLU B 140 -14.53 20.96 -1.03
CA GLU B 140 -15.44 21.75 -1.84
C GLU B 140 -14.68 22.73 -2.73
N SER B 141 -13.55 23.24 -2.25
N SER B 141 -13.54 23.22 -2.25
CA SER B 141 -12.76 24.18 -3.05
CA SER B 141 -12.72 24.15 -3.02
C SER B 141 -12.16 23.49 -4.30
C SER B 141 -12.12 23.51 -4.28
N ILE B 142 -11.78 22.23 -4.18
CA ILE B 142 -11.23 21.48 -5.31
C ILE B 142 -12.37 21.16 -6.29
N VAL B 143 -13.53 20.79 -5.76
CA VAL B 143 -14.68 20.50 -6.63
C VAL B 143 -15.13 21.74 -7.39
N SER B 144 -15.29 22.86 -6.68
CA SER B 144 -15.80 24.04 -7.29
C SER B 144 -14.80 24.80 -8.12
N ALA B 145 -13.55 24.83 -7.66
CA ALA B 145 -12.53 25.70 -8.24
C ALA B 145 -11.32 24.94 -8.76
N GLY B 146 -11.53 23.66 -9.07
CA GLY B 146 -10.48 22.80 -9.63
C GLY B 146 -9.70 23.46 -10.78
N PHE B 147 -10.41 24.00 -11.76
CA PHE B 147 -9.75 24.63 -12.89
C PHE B 147 -8.77 25.71 -12.43
N PHE B 148 -9.22 26.55 -11.50
CA PHE B 148 -8.47 27.68 -11.00
C PHE B 148 -7.25 27.20 -10.20
N LEU B 149 -7.46 26.17 -9.37
CA LEU B 149 -6.32 25.63 -8.62
C LEU B 149 -5.26 25.05 -9.55
N LYS B 150 -5.67 24.33 -10.58
CA LYS B 150 -4.72 23.79 -11.54
C LYS B 150 -3.94 24.90 -12.21
N LYS B 151 -4.65 25.95 -12.62
CA LYS B 151 -4.03 27.06 -13.31
C LYS B 151 -3.02 27.74 -12.39
N LEU B 152 -3.42 27.98 -11.15
CA LEU B 152 -2.56 28.60 -10.18
C LEU B 152 -1.30 27.75 -9.85
N LEU B 153 -1.48 26.44 -9.76
CA LEU B 153 -0.36 25.55 -9.44
C LEU B 153 0.60 25.44 -10.63
N ASN B 154 0.09 25.67 -11.84
CA ASN B 154 0.96 25.70 -12.99
C ASN B 154 1.82 26.95 -13.02
N ILE B 155 1.32 28.03 -12.46
CA ILE B 155 2.08 29.28 -12.38
C ILE B 155 3.13 29.22 -11.25
N HIS B 156 2.71 28.73 -10.11
CA HIS B 156 3.53 28.67 -8.89
C HIS B 156 4.12 27.26 -8.72
N LYS B 157 5.31 27.09 -9.33
CA LYS B 157 5.81 25.79 -9.65
C LYS B 157 6.23 25.01 -8.40
N ASN B 158 6.61 25.73 -7.38
CA ASN B 158 7.03 25.11 -6.13
C ASN B 158 5.93 24.89 -5.11
N ALA B 159 4.75 25.45 -5.38
CA ALA B 159 3.59 25.18 -4.51
C ALA B 159 3.14 23.76 -4.72
N LYS B 160 2.60 23.13 -3.67
CA LYS B 160 2.02 21.82 -3.82
C LYS B 160 0.80 21.69 -2.92
N ILE B 161 -0.26 21.09 -3.44
CA ILE B 161 -1.38 20.63 -2.62
C ILE B 161 -1.15 19.18 -2.21
N ILE B 162 -1.20 18.93 -0.90
CA ILE B 162 -1.15 17.59 -0.37
C ILE B 162 -2.53 17.27 0.22
N PRO B 163 -3.15 16.17 -0.22
CA PRO B 163 -4.52 15.92 0.24
C PRO B 163 -4.62 15.47 1.68
N VAL B 164 -5.60 16.02 2.37
CA VAL B 164 -5.90 15.66 3.76
C VAL B 164 -7.22 14.89 3.86
N ASP B 165 -8.14 15.10 2.91
CA ASP B 165 -9.38 14.32 2.96
C ASP B 165 -8.97 12.85 3.05
N SER B 166 -9.60 12.08 3.95
CA SER B 166 -9.01 10.79 4.33
C SER B 166 -8.81 9.80 3.19
N GLU B 167 -9.75 9.74 2.25
CA GLU B 167 -9.67 8.79 1.16
C GLU B 167 -8.54 9.20 0.20
N HIS B 168 -8.41 10.51 -0.01
CA HIS B 168 -7.42 11.07 -0.90
C HIS B 168 -6.03 11.00 -0.32
N SER B 169 -5.93 11.14 0.98
CA SER B 169 -4.70 10.84 1.69
C SER B 169 -4.34 9.35 1.50
N ALA B 170 -5.32 8.47 1.63
CA ALA B 170 -5.07 7.07 1.46
C ALA B 170 -4.51 6.79 0.07
N ILE B 171 -5.21 7.28 -0.96
CA ILE B 171 -4.75 7.16 -2.31
C ILE B 171 -3.29 7.63 -2.44
N PHE B 172 -3.03 8.82 -1.92
CA PHE B 172 -1.69 9.39 -1.97
C PHE B 172 -0.64 8.49 -1.30
N GLN B 173 -1.00 7.95 -0.14
CA GLN B 173 -0.14 7.02 0.59
C GLN B 173 0.12 5.69 -0.11
N CYS B 174 -0.75 5.29 -1.04
CA CYS B 174 -0.57 4.09 -1.84
C CYS B 174 0.34 4.27 -3.06
N LEU B 175 0.81 5.49 -3.27
CA LEU B 175 1.63 5.81 -4.43
C LEU B 175 3.10 5.80 -4.03
N ASP B 176 3.93 5.48 -5.02
CA ASP B 176 5.38 5.38 -4.85
C ASP B 176 5.94 6.79 -4.96
N ASN B 177 6.56 7.29 -3.89
CA ASN B 177 7.08 8.64 -3.91
C ASN B 177 8.21 8.85 -4.92
N ASN B 178 8.87 7.79 -5.34
CA ASN B 178 9.86 7.93 -6.41
C ASN B 178 9.19 8.43 -7.70
N LYS B 179 7.89 8.16 -7.83
CA LYS B 179 7.09 8.65 -8.97
C LYS B 179 6.39 9.96 -8.60
N VAL B 180 5.77 10.01 -7.43
CA VAL B 180 5.08 11.25 -7.00
C VAL B 180 5.95 12.49 -7.10
N LEU B 181 7.21 12.35 -6.73
CA LEU B 181 8.11 13.47 -6.70
C LEU B 181 8.44 13.97 -8.11
N LYS B 182 8.07 13.22 -9.14
CA LYS B 182 8.24 13.65 -10.54
C LYS B 182 7.01 14.33 -11.13
N THR B 183 6.00 14.53 -10.28
CA THR B 183 4.78 15.21 -10.68
C THR B 183 4.24 15.94 -9.43
N LYS B 184 2.94 16.20 -9.37
CA LYS B 184 2.31 16.78 -8.17
C LYS B 184 0.80 16.75 -8.35
N CYS B 185 0.06 16.80 -7.24
CA CYS B 185 -1.40 16.80 -7.37
C CYS B 185 -1.87 17.99 -8.20
N LEU B 186 -2.95 17.72 -8.94
CA LEU B 186 -3.60 18.67 -9.83
C LEU B 186 -2.78 18.96 -11.10
N GLN B 187 -1.78 18.13 -11.37
CA GLN B 187 -1.01 18.30 -12.58
C GLN B 187 -1.43 17.28 -13.61
N ASP B 188 -1.61 17.72 -14.86
CA ASP B 188 -1.93 16.81 -15.90
C ASP B 188 -0.87 15.72 -15.96
N ASN B 189 -1.34 14.50 -16.20
CA ASN B 189 -0.52 13.31 -16.36
C ASN B 189 -0.06 12.68 -15.05
N PHE B 190 -0.61 13.16 -13.94
CA PHE B 190 -0.31 12.58 -12.64
C PHE B 190 -0.53 11.08 -12.63
N SER B 191 -1.66 10.63 -13.15
N SER B 191 -1.66 10.65 -13.16
CA SER B 191 -1.97 9.21 -13.09
CA SER B 191 -1.99 9.24 -13.13
C SER B 191 -1.06 8.39 -14.00
C SER B 191 -1.03 8.43 -13.97
N LYS B 192 -0.71 8.91 -15.16
CA LYS B 192 0.21 8.23 -16.06
C LYS B 192 1.59 8.02 -15.43
N ILE B 193 2.13 9.08 -14.85
CA ILE B 193 3.46 9.05 -14.24
C ILE B 193 3.49 8.09 -13.07
N ASN B 194 2.39 7.98 -12.33
CA ASN B 194 2.28 7.06 -11.19
C ASN B 194 1.76 5.65 -11.54
N ASN B 195 1.52 5.39 -12.81
CA ASN B 195 1.08 4.09 -13.26
C ASN B 195 -0.28 3.68 -12.69
N ILE B 196 -1.13 4.66 -12.41
CA ILE B 196 -2.46 4.41 -11.91
C ILE B 196 -3.41 3.96 -13.01
N ASN B 197 -4.14 2.90 -12.75
CA ASN B 197 -5.16 2.41 -13.71
C ASN B 197 -6.57 2.76 -13.24
N LYS B 198 -6.81 2.61 -11.95
CA LYS B 198 -8.16 2.72 -11.41
C LYS B 198 -8.12 2.97 -9.90
N ILE B 199 -9.16 3.65 -9.40
CA ILE B 199 -9.28 3.96 -7.97
C ILE B 199 -10.53 3.31 -7.37
N PHE B 200 -10.36 2.65 -6.23
CA PHE B 200 -11.48 2.23 -5.35
C PHE B 200 -11.61 3.30 -4.27
N LEU B 201 -12.71 4.03 -4.32
CA LEU B 201 -12.97 5.13 -3.38
C LEU B 201 -13.90 4.63 -2.29
N CYS B 202 -13.38 4.41 -1.08
CA CYS B 202 -14.17 3.78 -0.02
C CYS B 202 -15.12 4.77 0.63
N SER B 203 -16.28 4.28 1.03
CA SER B 203 -17.27 5.12 1.74
C SER B 203 -17.80 4.32 2.93
N SER B 204 -18.11 4.99 4.03
CA SER B 204 -18.79 4.32 5.15
C SER B 204 -20.16 3.85 4.76
N GLY B 205 -20.75 4.52 3.78
CA GLY B 205 -22.14 4.24 3.37
C GLY B 205 -23.16 5.10 4.11
N GLY B 206 -22.74 5.70 5.22
CA GLY B 206 -23.61 6.53 6.02
C GLY B 206 -24.72 5.77 6.73
N PRO B 207 -25.56 6.49 7.47
CA PRO B 207 -26.55 5.85 8.34
C PRO B 207 -27.75 5.23 7.62
N PHE B 208 -27.94 5.55 6.34
CA PHE B 208 -29.14 5.14 5.64
C PHE B 208 -28.87 4.00 4.68
N GLN B 209 -27.68 3.42 4.78
CA GLN B 209 -27.22 2.47 3.78
C GLN B 209 -28.12 1.27 3.57
N ASN B 210 -28.83 0.83 4.62
CA ASN B 210 -29.63 -0.39 4.52
C ASN B 210 -31.12 -0.13 4.53
N LEU B 211 -31.49 1.13 4.44
CA LEU B 211 -32.92 1.47 4.33
C LEU B 211 -33.52 1.08 2.98
N THR B 212 -34.79 0.71 3.02
CA THR B 212 -35.56 0.55 1.78
C THR B 212 -35.92 1.90 1.18
N MET B 213 -36.39 1.90 -0.06
CA MET B 213 -36.79 3.15 -0.69
C MET B 213 -37.93 3.82 0.08
N ASP B 214 -38.85 3.01 0.58
CA ASP B 214 -39.96 3.56 1.34
C ASP B 214 -39.48 4.18 2.65
N GLU B 215 -38.49 3.56 3.28
CA GLU B 215 -37.93 4.12 4.50
C GLU B 215 -37.13 5.40 4.21
N LEU B 216 -36.39 5.42 3.10
CA LEU B 216 -35.67 6.64 2.72
C LEU B 216 -36.53 7.89 2.48
N LYS B 217 -37.69 7.72 1.87
CA LYS B 217 -38.56 8.85 1.62
C LYS B 217 -38.77 9.69 2.87
N ASN B 218 -38.78 9.04 4.04
CA ASN B 218 -39.15 9.62 5.31
C ASN B 218 -38.02 10.12 6.22
N VAL B 219 -36.78 9.78 5.87
CA VAL B 219 -35.70 10.11 6.80
C VAL B 219 -35.60 11.60 7.06
N THR B 220 -35.15 11.91 8.26
CA THR B 220 -34.97 13.28 8.70
C THR B 220 -33.52 13.59 9.00
N SER B 221 -33.20 14.87 9.14
CA SER B 221 -31.82 15.26 9.46
C SER B 221 -31.48 14.79 10.88
N GLU B 222 -32.46 14.74 11.78
CA GLU B 222 -32.20 14.25 13.13
C GLU B 222 -31.72 12.80 13.08
N ASN B 223 -32.37 11.98 12.24
CA ASN B 223 -31.97 10.59 11.98
C ASN B 223 -30.50 10.52 11.50
N ALA B 224 -30.15 11.42 10.60
CA ALA B 224 -28.82 11.41 9.97
C ALA B 224 -27.76 11.85 10.97
N LEU B 225 -28.13 12.73 11.90
CA LEU B 225 -27.18 13.27 12.86
C LEU B 225 -27.09 12.45 14.14
N LYS B 226 -28.14 11.70 14.43
CA LYS B 226 -28.27 10.95 15.68
C LYS B 226 -27.40 9.69 15.65
N HIS B 227 -26.87 9.35 16.82
CA HIS B 227 -26.05 8.14 16.97
C HIS B 227 -24.93 8.06 15.94
N PRO B 228 -24.34 9.21 15.57
CA PRO B 228 -23.47 9.22 14.40
C PRO B 228 -22.36 8.18 14.52
N LYS B 229 -22.24 7.29 13.53
CA LYS B 229 -21.11 6.36 13.51
C LYS B 229 -19.84 7.16 13.79
N TRP B 230 -19.43 7.98 12.82
CA TRP B 230 -18.31 8.91 12.99
C TRP B 230 -18.78 10.32 13.29
N LYS B 231 -18.26 10.90 14.36
CA LYS B 231 -18.71 12.22 14.80
C LYS B 231 -17.99 13.35 14.06
N MET B 232 -18.76 14.16 13.33
CA MET B 232 -18.19 15.24 12.53
C MET B 232 -19.23 16.33 12.31
N GLY B 233 -18.88 17.37 11.55
CA GLY B 233 -19.76 18.56 11.43
C GLY B 233 -21.07 18.20 10.74
N LYS B 234 -22.07 19.07 10.89
CA LYS B 234 -23.41 18.76 10.37
C LYS B 234 -23.49 18.66 8.85
N LYS B 235 -22.81 19.56 8.17
CA LYS B 235 -22.89 19.57 6.71
C LYS B 235 -22.33 18.27 6.13
N ILE B 236 -21.14 17.87 6.56
CA ILE B 236 -20.56 16.64 6.03
C ILE B 236 -21.35 15.42 6.48
N THR B 237 -21.94 15.48 7.69
CA THR B 237 -22.78 14.39 8.12
C THR B 237 -23.99 14.19 7.22
N ILE B 238 -24.63 15.29 6.81
CA ILE B 238 -25.72 15.21 5.86
C ILE B 238 -25.24 14.69 4.51
N ASP B 239 -24.08 15.15 4.04
CA ASP B 239 -23.53 14.62 2.80
C ASP B 239 -23.17 13.15 2.87
N SER B 240 -22.74 12.66 4.05
CA SER B 240 -22.51 11.23 4.23
C SER B 240 -23.82 10.47 4.15
N ALA B 241 -24.90 11.07 4.64
CA ALA B 241 -26.18 10.41 4.60
C ALA B 241 -26.74 10.25 3.20
N THR B 242 -26.54 11.27 2.36
CA THR B 242 -27.04 11.23 0.99
C THR B 242 -26.02 10.54 0.04
N MET B 243 -24.82 10.30 0.56
CA MET B 243 -23.62 9.92 -0.20
C MET B 243 -23.14 11.00 -1.17
N MET B 244 -23.66 12.23 -1.08
CA MET B 244 -23.10 13.33 -1.85
C MET B 244 -21.66 13.58 -1.37
N ASN B 245 -21.33 13.23 -0.13
CA ASN B 245 -19.95 13.38 0.26
C ASN B 245 -19.05 12.61 -0.69
N LYS B 246 -19.41 11.36 -0.95
CA LYS B 246 -18.60 10.52 -1.86
C LYS B 246 -18.69 11.02 -3.31
N GLY B 247 -19.85 11.53 -3.69
CA GLY B 247 -19.97 12.19 -5.01
C GLY B 247 -18.97 13.32 -5.19
N LEU B 248 -18.93 14.22 -4.24
CA LEU B 248 -17.92 15.28 -4.23
C LEU B 248 -16.51 14.72 -4.26
N GLU B 249 -16.30 13.66 -3.48
CA GLU B 249 -14.98 13.05 -3.43
C GLU B 249 -14.55 12.35 -4.69
N VAL B 250 -15.49 11.95 -5.56
CA VAL B 250 -15.18 11.40 -6.88
C VAL B 250 -14.57 12.52 -7.74
N ILE B 251 -15.21 13.70 -7.73
CA ILE B 251 -14.70 14.84 -8.50
C ILE B 251 -13.36 15.30 -7.90
N GLU B 252 -13.23 15.26 -6.57
CA GLU B 252 -11.97 15.59 -5.91
C GLU B 252 -10.84 14.67 -6.40
N THR B 253 -11.12 13.39 -6.47
CA THR B 253 -10.19 12.38 -6.99
C THR B 253 -9.77 12.73 -8.43
N HIS B 254 -10.74 13.00 -9.29
CA HIS B 254 -10.45 13.28 -10.69
C HIS B 254 -9.46 14.44 -10.78
N PHE B 255 -9.70 15.50 -10.04
CA PHE B 255 -8.86 16.69 -10.15
C PHE B 255 -7.52 16.53 -9.45
N LEU B 256 -7.51 15.93 -8.27
CA LEU B 256 -6.22 15.77 -7.59
C LEU B 256 -5.25 14.85 -8.34
N PHE B 257 -5.79 13.79 -8.93
CA PHE B 257 -4.95 12.71 -9.45
C PHE B 257 -5.03 12.49 -10.95
N ASP B 258 -5.84 13.30 -11.63
CA ASP B 258 -6.05 13.18 -13.08
C ASP B 258 -6.47 11.77 -13.45
N VAL B 259 -7.46 11.25 -12.71
CA VAL B 259 -8.04 9.94 -12.99
C VAL B 259 -9.37 10.13 -13.73
N ASP B 260 -9.57 9.42 -14.81
CA ASP B 260 -10.82 9.49 -15.58
C ASP B 260 -11.98 9.00 -14.73
N TYR B 261 -13.16 9.61 -14.89
CA TYR B 261 -14.33 9.17 -14.10
C TYR B 261 -14.69 7.71 -14.26
N ASN B 262 -14.51 7.13 -15.45
CA ASN B 262 -14.79 5.74 -15.67
C ASN B 262 -13.84 4.81 -14.90
N ASP B 263 -12.79 5.41 -14.34
CA ASP B 263 -11.78 4.68 -13.61
C ASP B 263 -11.86 4.96 -12.13
N ILE B 264 -12.99 5.51 -11.68
CA ILE B 264 -13.19 5.72 -10.24
C ILE B 264 -14.42 4.94 -9.85
N GLU B 265 -14.25 4.05 -8.88
CA GLU B 265 -15.37 3.19 -8.42
C GLU B 265 -15.64 3.45 -6.95
N VAL B 266 -16.87 3.81 -6.58
CA VAL B 266 -17.21 4.00 -5.20
C VAL B 266 -17.57 2.64 -4.62
N ILE B 267 -16.97 2.31 -3.49
CA ILE B 267 -17.22 1.04 -2.85
C ILE B 267 -17.60 1.28 -1.39
N VAL B 268 -18.70 0.68 -0.93
CA VAL B 268 -19.13 0.83 0.47
C VAL B 268 -18.40 -0.18 1.34
N HIS B 269 -17.61 0.37 2.27
CA HIS B 269 -16.81 -0.38 3.21
C HIS B 269 -17.15 0.08 4.64
N LYS B 270 -18.12 -0.59 5.26
CA LYS B 270 -18.79 -0.01 6.43
C LYS B 270 -17.90 0.05 7.65
N GLU B 271 -16.89 -0.79 7.71
CA GLU B 271 -15.94 -0.82 8.82
C GLU B 271 -14.97 0.37 8.86
N CYS B 272 -14.79 1.05 7.73
CA CYS B 272 -13.93 2.24 7.66
C CYS B 272 -12.53 1.95 8.17
N ILE B 273 -11.98 0.79 7.79
CA ILE B 273 -10.59 0.47 8.10
C ILE B 273 -9.70 0.69 6.86
N ILE B 274 -10.09 0.12 5.71
CA ILE B 274 -9.44 0.44 4.46
C ILE B 274 -9.98 1.79 3.95
N HIS B 275 -9.10 2.77 3.75
CA HIS B 275 -9.53 4.14 3.48
C HIS B 275 -9.65 4.50 2.02
N SER B 276 -9.00 3.69 1.17
CA SER B 276 -9.24 3.65 -0.31
C SER B 276 -8.08 2.78 -0.88
N CYS B 277 -8.22 2.40 -2.15
CA CYS B 277 -7.23 1.52 -2.82
C CYS B 277 -6.92 2.04 -4.20
N VAL B 278 -5.71 1.76 -4.66
CA VAL B 278 -5.24 2.12 -6.01
C VAL B 278 -4.86 0.84 -6.77
N GLU B 279 -5.47 0.65 -7.96
CA GLU B 279 -5.08 -0.41 -8.87
C GLU B 279 -4.10 0.18 -9.88
N PHE B 280 -2.93 -0.44 -10.01
CA PHE B 280 -1.94 0.00 -10.97
C PHE B 280 -2.09 -0.73 -12.30
N ILE B 281 -1.34 -0.27 -13.30
CA ILE B 281 -1.54 -0.75 -14.65
C ILE B 281 -1.23 -2.25 -14.82
N ASP B 282 -0.50 -2.87 -13.87
CA ASP B 282 -0.29 -4.32 -13.88
C ASP B 282 -1.42 -5.12 -13.22
N LYS B 283 -2.38 -4.39 -12.64
CA LYS B 283 -3.53 -4.87 -11.85
C LYS B 283 -3.21 -5.18 -10.39
N SER B 284 -1.98 -4.93 -9.95
CA SER B 284 -1.72 -5.03 -8.53
C SER B 284 -2.47 -3.88 -7.83
N VAL B 285 -3.03 -4.17 -6.65
CA VAL B 285 -3.74 -3.17 -5.88
C VAL B 285 -3.02 -2.90 -4.58
N ILE B 286 -2.89 -1.61 -4.24
CA ILE B 286 -2.30 -1.18 -2.95
C ILE B 286 -3.40 -0.41 -2.20
N SER B 287 -3.52 -0.67 -0.90
CA SER B 287 -4.49 0.03 -0.06
C SER B 287 -3.86 0.59 1.19
N GLN B 288 -4.49 1.61 1.79
CA GLN B 288 -4.04 2.15 3.08
C GLN B 288 -5.12 1.91 4.13
N MET B 289 -4.69 1.61 5.35
CA MET B 289 -5.60 1.10 6.38
C MET B 289 -5.22 1.67 7.73
N TYR B 290 -6.23 2.02 8.54
CA TYR B 290 -6.02 2.41 9.91
C TYR B 290 -7.43 2.52 10.51
N TYR B 291 -7.52 2.56 11.83
CA TYR B 291 -8.78 2.99 12.44
C TYR B 291 -9.22 4.37 11.88
N PRO B 292 -10.54 4.66 11.87
CA PRO B 292 -11.06 6.00 11.59
C PRO B 292 -10.49 7.02 12.59
N ASP B 293 -9.64 7.89 12.05
CA ASP B 293 -8.86 8.82 12.84
C ASP B 293 -8.21 9.80 11.89
N MET B 294 -8.62 11.06 11.93
CA MET B 294 -8.05 12.06 11.01
C MET B 294 -6.59 12.38 11.31
N GLN B 295 -6.03 11.94 12.44
CA GLN B 295 -4.65 12.31 12.73
C GLN B 295 -3.64 11.73 11.72
N ILE B 296 -3.93 10.56 11.18
CA ILE B 296 -2.99 9.94 10.23
C ILE B 296 -2.95 10.78 8.93
N PRO B 297 -4.10 11.04 8.29
CA PRO B 297 -4.04 11.88 7.04
C PRO B 297 -3.44 13.26 7.27
N ILE B 298 -3.79 13.91 8.39
CA ILE B 298 -3.20 15.20 8.70
C ILE B 298 -1.68 15.07 8.87
N LEU B 299 -1.23 14.10 9.66
CA LEU B 299 0.18 13.92 9.88
C LEU B 299 0.94 13.69 8.57
N TYR B 300 0.43 12.80 7.74
CA TYR B 300 1.13 12.46 6.52
C TYR B 300 1.26 13.70 5.65
N SER B 301 0.27 14.60 5.70
CA SER B 301 0.32 15.81 4.85
C SER B 301 1.48 16.71 5.27
N LEU B 302 1.84 16.62 6.54
CA LEU B 302 2.91 17.44 7.11
C LEU B 302 4.28 16.77 7.11
N THR B 303 4.33 15.44 6.96
CA THR B 303 5.60 14.70 6.91
C THR B 303 6.02 14.27 5.52
N TRP B 304 5.06 14.10 4.61
CA TRP B 304 5.33 13.72 3.24
C TRP B 304 6.52 14.52 2.71
N PRO B 305 7.49 13.85 2.06
CA PRO B 305 7.50 12.43 1.68
C PRO B 305 8.05 11.45 2.73
N ASP B 306 8.25 11.90 3.96
CA ASP B 306 8.73 11.05 5.05
CA ASP B 306 8.75 11.04 5.03
C ASP B 306 7.58 10.63 5.92
N ARG B 307 7.88 9.80 6.95
CA ARG B 307 6.95 9.42 8.01
C ARG B 307 7.70 9.59 9.31
N ILE B 308 6.99 9.91 10.39
CA ILE B 308 7.61 10.01 11.72
C ILE B 308 6.87 9.15 12.72
N LYS B 309 7.53 8.88 13.85
CA LYS B 309 6.98 8.04 14.83
C LYS B 309 5.78 8.67 15.55
N THR B 310 4.77 7.86 15.80
CA THR B 310 3.69 8.28 16.69
C THR B 310 3.51 7.25 17.80
N ASN B 311 2.61 7.58 18.73
CA ASN B 311 2.18 6.66 19.77
C ASN B 311 0.71 6.32 19.61
N LEU B 312 0.22 6.32 18.37
CA LEU B 312 -1.15 5.96 18.11
C LEU B 312 -1.34 4.46 18.35
N LYS B 313 -2.57 4.09 18.67
CA LYS B 313 -2.93 2.72 18.84
C LYS B 313 -2.68 1.90 17.59
N PRO B 314 -1.94 0.80 17.70
CA PRO B 314 -1.68 -0.03 16.49
C PRO B 314 -2.92 -0.80 16.04
N LEU B 315 -3.12 -0.85 14.73
CA LEU B 315 -4.21 -1.61 14.15
C LEU B 315 -4.14 -3.09 14.56
N ASP B 316 -5.25 -3.59 15.11
CA ASP B 316 -5.37 -4.99 15.47
C ASP B 316 -6.29 -5.68 14.48
N LEU B 317 -5.73 -6.19 13.39
CA LEU B 317 -6.54 -6.79 12.34
C LEU B 317 -7.35 -7.99 12.81
N ALA B 318 -6.77 -8.85 13.64
CA ALA B 318 -7.53 -10.02 14.13
C ALA B 318 -8.75 -9.56 14.93
N GLN B 319 -8.60 -8.49 15.70
CA GLN B 319 -9.74 -7.94 16.45
C GLN B 319 -10.79 -7.35 15.51
N VAL B 320 -10.33 -6.59 14.53
CA VAL B 320 -11.21 -6.07 13.53
C VAL B 320 -12.00 -7.20 12.88
N SER B 321 -11.27 -8.25 12.48
CA SER B 321 -11.80 -9.57 12.14
C SER B 321 -12.38 -9.70 10.74
N THR B 322 -13.23 -8.75 10.36
CA THR B 322 -13.96 -8.82 9.09
C THR B 322 -13.99 -7.45 8.43
N LEU B 323 -13.69 -7.44 7.13
CA LEU B 323 -13.82 -6.27 6.28
C LEU B 323 -14.80 -6.62 5.12
N THR B 324 -15.73 -5.72 4.85
CA THR B 324 -16.70 -5.94 3.80
C THR B 324 -16.75 -4.83 2.76
N PHE B 325 -17.23 -5.20 1.57
CA PHE B 325 -17.26 -4.30 0.43
C PHE B 325 -18.49 -4.60 -0.41
N HIS B 326 -19.23 -3.57 -0.77
CA HIS B 326 -20.36 -3.70 -1.69
C HIS B 326 -20.58 -2.48 -2.54
N LYS B 327 -21.26 -2.67 -3.67
CA LYS B 327 -21.63 -1.58 -4.54
C LYS B 327 -22.75 -0.73 -3.96
N PRO B 328 -22.65 0.59 -4.07
CA PRO B 328 -23.76 1.45 -3.62
C PRO B 328 -24.91 1.41 -4.64
N SER B 329 -26.13 1.53 -4.16
CA SER B 329 -27.28 1.61 -5.05
C SER B 329 -27.52 3.03 -5.49
N LEU B 330 -27.45 3.24 -6.81
CA LEU B 330 -27.63 4.59 -7.34
C LEU B 330 -29.10 5.03 -7.22
N GLU B 331 -30.01 4.08 -7.15
CA GLU B 331 -31.41 4.41 -6.96
C GLU B 331 -31.65 4.99 -5.54
N HIS B 332 -31.03 4.38 -4.53
CA HIS B 332 -31.14 4.88 -3.17
C HIS B 332 -30.30 6.12 -2.91
N PHE B 333 -29.19 6.23 -3.65
CA PHE B 333 -28.25 7.36 -3.50
C PHE B 333 -28.01 8.09 -4.81
N PRO B 334 -29.04 8.80 -5.26
CA PRO B 334 -28.96 9.46 -6.57
C PRO B 334 -27.98 10.59 -6.65
N CYS B 335 -27.57 11.14 -5.51
CA CYS B 335 -26.58 12.18 -5.51
C CYS B 335 -25.26 11.64 -6.12
N ILE B 336 -24.99 10.35 -5.97
CA ILE B 336 -23.73 9.79 -6.53
C ILE B 336 -23.79 9.93 -8.05
N LYS B 337 -24.93 9.58 -8.62
CA LYS B 337 -25.08 9.61 -10.06
C LYS B 337 -24.93 11.01 -10.59
N LEU B 338 -25.52 11.98 -9.89
CA LEU B 338 -25.44 13.37 -10.25
C LEU B 338 -24.03 13.89 -10.24
N ALA B 339 -23.24 13.47 -9.26
CA ALA B 339 -21.87 13.89 -9.18
C ALA B 339 -21.07 13.37 -10.37
N TYR B 340 -21.24 12.10 -10.72
CA TYR B 340 -20.55 11.52 -11.90
C TYR B 340 -20.98 12.25 -13.18
N GLN B 341 -22.28 12.52 -13.31
CA GLN B 341 -22.79 13.15 -14.51
C GLN B 341 -22.20 14.55 -14.65
N ALA B 342 -22.16 15.27 -13.54
CA ALA B 342 -21.63 16.59 -13.54
C ALA B 342 -20.14 16.57 -13.87
N GLY B 343 -19.40 15.69 -13.22
CA GLY B 343 -17.97 15.58 -13.51
C GLY B 343 -17.69 15.24 -14.97
N ILE B 344 -18.40 14.24 -15.48
CA ILE B 344 -18.23 13.79 -16.87
C ILE B 344 -18.60 14.87 -17.86
N LYS B 345 -19.67 15.61 -17.61
CA LYS B 345 -20.03 16.72 -18.47
C LYS B 345 -18.96 17.81 -18.40
N GLY B 346 -18.30 17.95 -17.24
CA GLY B 346 -17.15 18.81 -17.15
C GLY B 346 -17.51 20.27 -17.09
N ASN B 347 -16.68 21.12 -17.72
CA ASN B 347 -16.88 22.57 -17.67
C ASN B 347 -17.13 22.96 -16.21
N PHE B 348 -18.08 23.84 -15.94
CA PHE B 348 -18.35 24.26 -14.57
C PHE B 348 -19.51 23.54 -13.91
N TYR B 349 -19.90 22.40 -14.43
CA TYR B 349 -20.98 21.63 -13.81
C TYR B 349 -20.59 21.23 -12.36
N PRO B 350 -19.33 20.87 -12.12
CA PRO B 350 -18.99 20.62 -10.71
C PRO B 350 -19.21 21.82 -9.77
N THR B 351 -18.92 23.02 -10.23
CA THR B 351 -19.17 24.24 -9.44
C THR B 351 -20.66 24.33 -9.11
N VAL B 352 -21.46 24.06 -10.13
CA VAL B 352 -22.92 24.05 -9.95
C VAL B 352 -23.41 22.99 -9.00
N LEU B 353 -22.91 21.75 -9.17
CA LEU B 353 -23.21 20.64 -8.27
C LEU B 353 -22.91 21.03 -6.83
N ASN B 354 -21.74 21.59 -6.59
CA ASN B 354 -21.33 21.91 -5.24
C ASN B 354 -22.23 22.97 -4.62
N ALA B 355 -22.52 24.02 -5.39
CA ALA B 355 -23.28 25.13 -4.89
C ALA B 355 -24.74 24.76 -4.59
N SER B 356 -25.35 24.04 -5.53
CA SER B 356 -26.74 23.64 -5.39
C SER B 356 -26.86 22.65 -4.22
N ASN B 357 -25.88 21.76 -4.08
CA ASN B 357 -25.85 20.89 -2.91
C ASN B 357 -25.73 21.68 -1.59
N GLU B 358 -24.92 22.74 -1.57
CA GLU B 358 -24.82 23.54 -0.38
C GLU B 358 -26.21 23.97 0.13
N ILE B 359 -27.04 24.41 -0.82
CA ILE B 359 -28.38 24.84 -0.49
C ILE B 359 -29.28 23.70 -0.10
N ALA B 360 -29.28 22.64 -0.89
CA ALA B 360 -30.19 21.51 -0.63
C ALA B 360 -29.86 20.80 0.68
N ASN B 361 -28.56 20.65 0.96
CA ASN B 361 -28.11 20.07 2.23
C ASN B 361 -28.67 20.88 3.40
N ASN B 362 -28.53 22.20 3.32
CA ASN B 362 -28.95 23.04 4.42
C ASN B 362 -30.48 23.07 4.58
N LEU B 363 -31.19 23.04 3.47
CA LEU B 363 -32.65 22.95 3.54
C LEU B 363 -33.07 21.68 4.26
N PHE B 364 -32.45 20.54 3.95
CA PHE B 364 -32.81 19.28 4.60
C PHE B 364 -32.40 19.29 6.08
N LEU B 365 -31.20 19.77 6.35
CA LEU B 365 -30.70 19.90 7.72
C LEU B 365 -31.74 20.63 8.58
N ASN B 366 -32.32 21.66 8.00
CA ASN B 366 -33.29 22.50 8.72
C ASN B 366 -34.75 22.10 8.48
N ASN B 367 -34.96 20.90 7.97
CA ASN B 367 -36.27 20.25 7.90
C ASN B 367 -37.24 20.89 6.93
N LYS B 368 -36.71 21.52 5.90
CA LYS B 368 -37.55 22.24 4.94
C LYS B 368 -37.92 21.43 3.72
N ILE B 369 -37.16 20.38 3.44
CA ILE B 369 -37.38 19.50 2.31
C ILE B 369 -37.06 18.06 2.72
N LYS B 370 -37.47 17.12 1.88
CA LYS B 370 -37.29 15.70 2.18
C LYS B 370 -36.04 15.13 1.44
N TYR B 371 -35.67 13.90 1.81
CA TYR B 371 -34.43 13.28 1.30
C TYR B 371 -34.30 13.36 -0.22
N PHE B 372 -35.32 12.93 -0.95
CA PHE B 372 -35.24 12.90 -2.41
C PHE B 372 -35.38 14.25 -3.09
N ASP B 373 -35.83 15.24 -2.33
CA ASP B 373 -35.88 16.59 -2.81
C ASP B 373 -34.46 17.13 -2.98
N ILE B 374 -33.52 16.61 -2.18
CA ILE B 374 -32.15 17.10 -2.25
C ILE B 374 -31.61 16.84 -3.67
N SER B 375 -31.67 15.60 -4.11
CA SER B 375 -31.21 15.27 -5.45
C SER B 375 -32.09 15.90 -6.52
N SER B 376 -33.38 16.09 -6.23
CA SER B 376 -34.24 16.72 -7.23
C SER B 376 -33.81 18.15 -7.52
N ILE B 377 -33.58 18.93 -6.48
CA ILE B 377 -33.20 20.29 -6.63
C ILE B 377 -31.86 20.37 -7.36
N ILE B 378 -30.91 19.56 -6.92
CA ILE B 378 -29.59 19.54 -7.56
C ILE B 378 -29.71 19.24 -9.08
N SER B 379 -30.45 18.18 -9.41
CA SER B 379 -30.70 17.79 -10.78
C SER B 379 -31.26 18.92 -11.59
N GLN B 380 -32.26 19.59 -11.06
CA GLN B 380 -32.88 20.73 -11.79
C GLN B 380 -31.92 21.90 -12.03
N VAL B 381 -31.08 22.23 -11.05
CA VAL B 381 -30.15 23.34 -11.22
C VAL B 381 -29.11 22.98 -12.28
N LEU B 382 -28.61 21.76 -12.23
CA LEU B 382 -27.65 21.28 -13.24
C LEU B 382 -28.25 21.35 -14.66
N GLU B 383 -29.51 20.98 -14.79
CA GLU B 383 -30.25 21.07 -16.06
C GLU B 383 -30.39 22.49 -16.57
N SER B 384 -30.44 23.45 -15.65
CA SER B 384 -30.58 24.82 -16.05
C SER B 384 -29.28 25.30 -16.64
N PHE B 385 -28.15 24.91 -16.05
CA PHE B 385 -26.87 25.58 -16.33
C PHE B 385 -26.44 25.39 -17.77
N ASN B 386 -25.94 26.47 -18.37
CA ASN B 386 -25.36 26.41 -19.71
C ASN B 386 -23.83 26.47 -19.62
N SER B 387 -23.14 25.58 -20.30
CA SER B 387 -21.68 25.62 -20.29
C SER B 387 -21.18 26.96 -20.74
N GLN B 388 -20.07 27.39 -20.14
CA GLN B 388 -19.45 28.65 -20.48
C GLN B 388 -18.03 28.43 -20.96
N LYS B 389 -17.59 29.29 -21.86
CA LYS B 389 -16.18 29.34 -22.22
C LYS B 389 -15.31 29.59 -21.00
N VAL B 390 -14.32 28.72 -20.79
CA VAL B 390 -13.46 28.82 -19.62
C VAL B 390 -12.46 29.97 -19.77
N SER B 391 -12.52 30.95 -18.87
CA SER B 391 -11.59 32.07 -18.91
C SER B 391 -10.14 31.62 -18.90
N GLU B 392 -9.34 32.21 -19.78
CA GLU B 392 -7.90 31.94 -19.81
C GLU B 392 -7.22 32.65 -18.65
N ASN B 393 -7.71 33.82 -18.29
CA ASN B 393 -7.12 34.63 -17.25
C ASN B 393 -7.49 34.18 -15.83
N SER B 394 -6.49 34.10 -14.95
CA SER B 394 -6.63 33.54 -13.60
C SER B 394 -7.62 34.33 -12.75
N GLU B 395 -7.49 35.65 -12.77
CA GLU B 395 -8.41 36.52 -12.04
C GLU B 395 -9.82 36.43 -12.59
N ASP B 396 -9.93 36.39 -13.91
CA ASP B 396 -11.22 36.23 -14.57
C ASP B 396 -11.87 34.89 -14.26
N LEU B 397 -11.04 33.86 -14.20
CA LEU B 397 -11.54 32.51 -13.98
C LEU B 397 -12.15 32.44 -12.58
N MET B 398 -11.46 33.05 -11.62
CA MET B 398 -11.96 33.05 -10.27
C MET B 398 -13.32 33.77 -10.19
N LYS B 399 -13.42 34.92 -10.85
CA LYS B 399 -14.68 35.63 -10.84
C LYS B 399 -15.77 34.80 -11.47
N GLN B 400 -15.46 34.16 -12.57
CA GLN B 400 -16.40 33.30 -13.25
C GLN B 400 -16.91 32.17 -12.32
N ILE B 401 -15.99 31.48 -11.63
CA ILE B 401 -16.39 30.47 -10.65
C ILE B 401 -17.31 31.03 -9.55
N LEU B 402 -16.94 32.16 -8.98
CA LEU B 402 -17.74 32.78 -7.95
C LEU B 402 -19.14 33.15 -8.46
N GLN B 403 -19.21 33.64 -9.70
CA GLN B 403 -20.52 34.01 -10.28
C GLN B 403 -21.40 32.80 -10.44
N ILE B 404 -20.80 31.72 -10.95
CA ILE B 404 -21.53 30.49 -11.18
C ILE B 404 -21.99 29.90 -9.86
N HIS B 405 -21.12 29.98 -8.85
CA HIS B 405 -21.46 29.50 -7.50
C HIS B 405 -22.70 30.24 -6.97
N SER B 406 -22.64 31.57 -7.02
CA SER B 406 -23.72 32.46 -6.55
C SER B 406 -25.03 32.26 -7.30
N TRP B 407 -24.94 32.16 -8.62
CA TRP B 407 -26.10 31.90 -9.46
C TRP B 407 -26.76 30.57 -9.07
N ALA B 408 -25.93 29.53 -8.93
CA ALA B 408 -26.42 28.18 -8.69
C ALA B 408 -27.10 28.07 -7.31
N LYS B 409 -26.61 28.83 -6.35
CA LYS B 409 -27.23 28.80 -5.04
C LYS B 409 -28.61 29.45 -5.15
N ASP B 410 -28.66 30.56 -5.86
CA ASP B 410 -29.93 31.31 -5.99
C ASP B 410 -30.95 30.52 -6.77
N LYS B 411 -30.51 29.78 -7.77
CA LYS B 411 -31.39 28.95 -8.55
C LYS B 411 -31.96 27.84 -7.67
N ALA B 412 -31.14 27.17 -6.84
CA ALA B 412 -31.62 26.15 -5.92
C ALA B 412 -32.70 26.75 -4.98
N THR B 413 -32.38 27.88 -4.41
CA THR B 413 -33.27 28.55 -3.49
C THR B 413 -34.60 28.92 -4.16
N ASP B 414 -34.50 29.43 -5.38
CA ASP B 414 -35.69 29.79 -6.15
CA ASP B 414 -35.68 29.81 -6.15
C ASP B 414 -36.56 28.58 -6.42
N ILE B 415 -35.92 27.47 -6.77
CA ILE B 415 -36.64 26.24 -7.03
C ILE B 415 -37.36 25.80 -5.77
N TYR B 416 -36.68 25.90 -4.63
CA TYR B 416 -37.28 25.59 -3.35
C TYR B 416 -38.51 26.47 -3.11
N ASN B 417 -38.33 27.78 -3.25
CA ASN B 417 -39.40 28.77 -3.01
C ASN B 417 -40.63 28.56 -3.88
N LYS B 418 -40.46 28.14 -5.12
CA LYS B 418 -41.61 27.83 -5.98
C LYS B 418 -42.41 26.65 -5.45
N HIS B 419 -41.72 25.54 -5.19
CA HIS B 419 -42.42 24.34 -4.78
C HIS B 419 -42.88 24.46 -3.33
N ASN B 420 -42.54 25.58 -2.71
CA ASN B 420 -42.88 25.83 -1.32
C ASN B 420 -44.25 26.49 -1.16
#